data_2JJ9
#
_entry.id   2JJ9
#
_cell.length_a   89.417
_cell.length_b   147.218
_cell.length_c   153.837
_cell.angle_alpha   90.00
_cell.angle_beta   90.00
_cell.angle_gamma   90.00
#
_symmetry.space_group_name_H-M   'C 2 2 21'
#
loop_
_entity.id
_entity.type
_entity.pdbx_description
1 polymer 'MYOSIN-2 HEAVY CHAIN'
2 non-polymer 'ADP METAVANADATE'
3 non-polymer 'MAGNESIUM ION'
4 water water
#
_entity_poly.entity_id   1
_entity_poly.type   'polypeptide(L)'
_entity_poly.pdbx_seq_one_letter_code
;MHHHHHHHDGTENPIHDRTSDYHKYLKVKQGDSDLFKLTVSDKRYIWYNPDPKERDSYECGEIVSETSDSFTFKTVDGQD
RQVKKDDANQRNPIKFDGVEDMSELSYLNEPAVFHNLRVRYNQDLIYTYSGLFLVAVNPFKRIPIYTQEMVDIFKGRRRN
EVAPHIFAISDVAYRSMLDDRQNQSLLITGESGAGKTENTKKVIQYLASVAGRNQANGSGVLEQQILQANPILEAFGNAK
TTRNNNSSRFGKFIEIQFNSAGFISGASIQSYLLEKSRVVFQSETERNYHIFYQLLAGATAEEKKALHLAGPESFNYLNQ
SGCVDIKGVSDSEEFKITRQAMDIVGFSQEEQMSIFKIIAGILHLGNIKFEKGAGEGAVLKDKTALNAASTVFGVNPSVL
EKALMEPRILAGRDLVAQHLNVEKSSSSRDALVKALYGRLFLWLVKKINNVLCQERKAYFIGVLDISGFEIFKVNSFEQL
CINYTNEKLQQFFNHHMFKLEQEEYLKEKINWTFIDFGLDSQATIDLIDGRQPPGILALLDEQSVFPNATDNTLITKLHS
HFSKKNAKYEEPRFSKTEFGVTHYAGQVMYEIQDWLEKNKDPLQQDLELCFKDSSDNVVTKLFNDPNIASRAKKGANFIT
VAAQYKEQLASLMATLETTNPHFVRCIIPNNKQLPAKLEDKVVLDQLRCNGVLEGIRITRKGFPNRIIYADFVKRYYLLA
PNVPRDAEDSQKATDAVLKHLNIDPEQYRFGITKIFFRAGQLARIEEAREQRLESNEPPMDFDDDIPF
;
_entity_poly.pdbx_strand_id   A
#
loop_
_chem_comp.id
_chem_comp.type
_chem_comp.name
_chem_comp.formula
AD9 non-polymer 'ADP METAVANADATE' 'C10 H16 N5 O13 P2 V'
MG non-polymer 'MAGNESIUM ION' 'Mg 2'
#
# COMPACT_ATOMS: atom_id res chain seq x y z
N ASN A 13 -2.22 -15.88 -35.24
CA ASN A 13 -1.84 -15.85 -33.83
C ASN A 13 -0.81 -14.75 -33.60
N PRO A 14 -1.26 -13.64 -33.03
CA PRO A 14 -0.34 -12.53 -32.75
C PRO A 14 0.86 -13.00 -31.94
N ILE A 15 0.63 -13.99 -31.08
CA ILE A 15 1.71 -14.62 -30.34
C ILE A 15 2.85 -15.01 -31.26
N HIS A 16 2.51 -15.62 -32.40
CA HIS A 16 3.55 -16.15 -33.28
C HIS A 16 3.88 -15.19 -34.40
N ASP A 17 3.13 -14.08 -34.45
CA ASP A 17 3.45 -13.11 -35.50
C ASP A 17 4.42 -12.07 -34.96
N ARG A 18 5.67 -12.17 -35.38
CA ARG A 18 6.74 -11.32 -34.89
C ARG A 18 6.51 -9.83 -35.15
N THR A 19 5.54 -9.48 -35.96
CA THR A 19 5.22 -8.09 -36.24
C THR A 19 4.11 -7.56 -35.34
N SER A 20 3.47 -8.39 -34.53
CA SER A 20 2.39 -7.87 -33.68
C SER A 20 2.88 -6.96 -32.56
N ASP A 21 1.94 -6.24 -31.97
CA ASP A 21 2.22 -5.43 -30.80
C ASP A 21 2.67 -6.30 -29.63
N TYR A 22 2.11 -7.50 -29.55
CA TYR A 22 2.55 -8.49 -28.57
C TYR A 22 4.04 -8.80 -28.54
N HIS A 23 4.59 -9.12 -29.70
CA HIS A 23 6.04 -9.31 -29.86
C HIS A 23 6.78 -8.00 -29.65
N LYS A 24 6.21 -6.90 -30.16
CA LYS A 24 6.86 -5.61 -30.12
C LYS A 24 7.02 -5.12 -28.67
N TYR A 25 5.98 -5.29 -27.86
CA TYR A 25 6.00 -4.72 -26.52
C TYR A 25 6.19 -5.73 -25.40
N LEU A 26 5.97 -7.01 -25.66
CA LEU A 26 6.09 -8.04 -24.64
C LEU A 26 7.19 -9.06 -24.92
N LYS A 27 7.89 -8.99 -26.05
CA LYS A 27 8.93 -9.98 -26.33
C LYS A 27 10.32 -9.33 -26.46
N VAL A 28 11.35 -10.13 -26.21
CA VAL A 28 12.72 -9.63 -26.35
C VAL A 28 13.07 -9.42 -27.81
N LYS A 29 13.77 -8.34 -28.13
CA LYS A 29 14.11 -8.04 -29.51
C LYS A 29 15.13 -9.01 -30.11
N GLN A 30 14.90 -9.41 -31.35
CA GLN A 30 15.80 -10.31 -32.05
C GLN A 30 17.23 -9.79 -31.99
N GLY A 31 18.18 -10.63 -31.61
CA GLY A 31 19.59 -10.22 -31.61
C GLY A 31 20.18 -10.28 -33.01
N ASP A 32 21.33 -9.62 -33.24
CA ASP A 32 21.88 -9.58 -34.59
C ASP A 32 23.10 -10.49 -34.76
N SER A 33 23.61 -10.49 -36.00
CA SER A 33 24.69 -11.38 -36.38
C SER A 33 25.89 -11.19 -35.48
N ASP A 34 26.06 -9.99 -34.96
CA ASP A 34 27.15 -9.75 -34.01
C ASP A 34 26.85 -10.28 -32.62
N LEU A 35 25.57 -10.23 -32.23
CA LEU A 35 25.16 -10.79 -30.94
C LEU A 35 25.21 -12.32 -30.99
N PHE A 36 24.86 -12.90 -32.14
CA PHE A 36 24.99 -14.34 -32.31
C PHE A 36 26.43 -14.80 -32.07
N LYS A 37 27.39 -14.03 -32.54
CA LYS A 37 28.80 -14.39 -32.42
C LYS A 37 29.28 -14.33 -30.98
N LEU A 38 28.76 -13.34 -30.25
CA LEU A 38 29.05 -13.22 -28.83
C LEU A 38 28.39 -14.37 -28.07
N THR A 39 27.17 -14.66 -28.52
CA THR A 39 26.36 -15.72 -27.93
C THR A 39 26.97 -17.11 -28.11
N VAL A 40 27.74 -17.36 -29.16
CA VAL A 40 28.26 -18.72 -29.33
C VAL A 40 29.70 -18.81 -28.84
N SER A 41 30.21 -17.69 -28.32
CA SER A 41 31.58 -17.71 -27.84
C SER A 41 31.78 -18.75 -26.74
N ASP A 42 33.01 -19.16 -26.53
CA ASP A 42 33.34 -20.17 -25.53
C ASP A 42 33.96 -19.55 -24.28
N LYS A 43 34.15 -18.24 -24.28
CA LYS A 43 34.71 -17.55 -23.13
C LYS A 43 33.78 -17.62 -21.93
N ARG A 44 34.33 -17.48 -20.73
CA ARG A 44 33.56 -17.54 -19.49
C ARG A 44 33.76 -16.29 -18.64
N TYR A 45 32.65 -15.81 -18.10
CA TYR A 45 32.66 -14.54 -17.37
C TYR A 45 32.19 -14.70 -15.92
N ILE A 46 32.53 -13.70 -15.13
CA ILE A 46 32.21 -13.60 -13.72
C ILE A 46 31.75 -12.19 -13.35
N TRP A 47 30.75 -12.11 -12.48
CA TRP A 47 30.32 -10.80 -11.95
C TRP A 47 31.20 -10.47 -10.75
N TYR A 48 31.83 -9.30 -10.72
CA TYR A 48 32.65 -8.95 -9.55
C TYR A 48 32.40 -7.51 -9.13
N ASN A 49 32.87 -7.15 -7.95
CA ASN A 49 32.82 -5.80 -7.41
C ASN A 49 34.14 -5.07 -7.57
N PRO A 50 34.21 -4.12 -8.49
CA PRO A 50 35.42 -3.29 -8.61
C PRO A 50 35.79 -2.69 -7.26
N ASP A 51 34.79 -2.27 -6.49
CA ASP A 51 34.99 -1.71 -5.16
C ASP A 51 34.32 -2.61 -4.12
N PRO A 52 35.14 -3.34 -3.38
CA PRO A 52 34.65 -4.29 -2.38
C PRO A 52 33.75 -3.60 -1.35
N LYS A 53 33.95 -2.30 -1.16
CA LYS A 53 33.06 -1.55 -0.30
C LYS A 53 31.65 -1.57 -0.88
N GLU A 54 31.58 -1.42 -2.20
CA GLU A 54 30.31 -1.33 -2.88
C GLU A 54 29.84 -2.68 -3.42
N ARG A 55 29.45 -3.56 -2.51
CA ARG A 55 29.04 -4.92 -2.88
C ARG A 55 27.90 -4.98 -3.88
N ASP A 56 27.15 -3.90 -4.15
CA ASP A 56 26.09 -4.05 -5.15
C ASP A 56 26.49 -3.45 -6.48
N SER A 57 27.68 -2.88 -6.58
CA SER A 57 28.10 -2.36 -7.89
C SER A 57 29.00 -3.39 -8.55
N TYR A 58 28.51 -3.93 -9.66
CA TYR A 58 29.22 -5.04 -10.30
C TYR A 58 29.73 -4.66 -11.68
N GLU A 59 30.80 -5.32 -12.08
CA GLU A 59 31.29 -5.22 -13.45
C GLU A 59 31.49 -6.65 -13.98
N CYS A 60 31.50 -6.81 -15.29
CA CYS A 60 31.76 -8.14 -15.87
C CYS A 60 33.25 -8.33 -16.11
N GLY A 61 33.75 -9.51 -15.73
CA GLY A 61 35.14 -9.83 -16.02
C GLY A 61 35.23 -11.21 -16.65
N GLU A 62 36.29 -11.44 -17.42
CA GLU A 62 36.49 -12.71 -18.08
C GLU A 62 37.33 -13.67 -17.24
N ILE A 63 36.84 -14.91 -17.17
CA ILE A 63 37.64 -15.91 -16.47
C ILE A 63 38.83 -16.30 -17.35
N VAL A 64 40.05 -16.05 -16.87
CA VAL A 64 41.24 -16.32 -17.68
C VAL A 64 41.90 -17.63 -17.32
N SER A 65 41.75 -18.10 -16.09
CA SER A 65 42.36 -19.39 -15.75
C SER A 65 41.68 -19.98 -14.52
N GLU A 66 41.97 -21.23 -14.19
CA GLU A 66 41.32 -21.79 -13.00
C GLU A 66 42.20 -22.84 -12.34
N THR A 67 42.12 -22.85 -11.01
CA THR A 67 42.69 -23.93 -10.21
C THR A 67 41.55 -24.80 -9.71
N SER A 68 41.88 -25.78 -8.89
CA SER A 68 40.85 -26.67 -8.37
C SER A 68 39.84 -25.93 -7.50
N ASP A 69 40.24 -24.86 -6.79
CA ASP A 69 39.28 -24.21 -5.91
C ASP A 69 39.08 -22.73 -6.24
N SER A 70 39.65 -22.26 -7.35
CA SER A 70 39.53 -20.87 -7.70
C SER A 70 39.51 -20.61 -9.21
N PHE A 71 39.05 -19.42 -9.53
CA PHE A 71 39.01 -18.70 -10.77
C PHE A 71 39.93 -17.47 -10.71
N THR A 72 40.62 -17.21 -11.81
CA THR A 72 41.37 -15.99 -12.02
C THR A 72 40.73 -15.29 -13.22
N PHE A 73 40.35 -14.04 -13.03
CA PHE A 73 39.63 -13.29 -14.06
C PHE A 73 40.28 -11.94 -14.27
N LYS A 74 39.96 -11.33 -15.41
CA LYS A 74 40.54 -10.03 -15.73
C LYS A 74 39.52 -8.93 -15.50
N THR A 75 39.92 -7.86 -14.81
CA THR A 75 38.99 -6.76 -14.56
C THR A 75 38.84 -5.90 -15.81
N VAL A 76 38.07 -4.82 -15.73
CA VAL A 76 37.84 -4.00 -16.91
C VAL A 76 39.03 -3.11 -17.23
N ASP A 77 39.65 -2.58 -16.19
CA ASP A 77 40.86 -1.77 -16.39
C ASP A 77 41.97 -2.64 -16.98
N GLY A 78 42.05 -3.88 -16.53
CA GLY A 78 43.01 -4.84 -17.05
C GLY A 78 43.63 -5.73 -15.98
N GLN A 79 43.48 -5.35 -14.72
CA GLN A 79 44.06 -6.08 -13.60
C GLN A 79 43.53 -7.51 -13.52
N ASP A 80 44.29 -8.38 -12.86
CA ASP A 80 43.86 -9.75 -12.65
C ASP A 80 43.56 -10.02 -11.18
N ARG A 81 42.48 -10.77 -10.98
CA ARG A 81 41.97 -11.05 -9.65
C ARG A 81 41.63 -12.52 -9.45
N GLN A 82 41.91 -12.99 -8.25
CA GLN A 82 41.61 -14.36 -7.89
C GLN A 82 40.42 -14.41 -6.94
N VAL A 83 39.56 -15.42 -7.09
CA VAL A 83 38.45 -15.61 -6.15
C VAL A 83 38.18 -17.11 -5.98
N LYS A 84 37.72 -17.53 -4.81
CA LYS A 84 37.43 -18.95 -4.61
C LYS A 84 36.20 -19.36 -5.41
N LYS A 85 36.13 -20.62 -5.87
CA LYS A 85 34.98 -20.93 -6.71
C LYS A 85 33.68 -20.83 -5.92
N ASP A 86 33.82 -21.00 -4.61
CA ASP A 86 32.74 -20.95 -3.65
C ASP A 86 32.21 -19.55 -3.42
N ASP A 87 33.02 -18.55 -3.73
CA ASP A 87 32.56 -17.18 -3.54
C ASP A 87 32.32 -16.48 -4.87
N ALA A 88 32.38 -17.26 -5.95
CA ALA A 88 32.29 -16.70 -7.29
C ALA A 88 30.85 -16.55 -7.76
N ASN A 89 30.55 -15.35 -8.26
CA ASN A 89 29.27 -15.08 -8.89
C ASN A 89 29.40 -15.19 -10.41
N GLN A 90 29.30 -16.41 -10.94
CA GLN A 90 29.50 -16.59 -12.37
C GLN A 90 28.38 -15.96 -13.18
N ARG A 91 28.76 -15.43 -14.34
CA ARG A 91 27.79 -14.87 -15.27
C ARG A 91 27.16 -16.00 -16.09
N ASN A 92 25.85 -15.96 -16.29
CA ASN A 92 25.24 -17.00 -17.12
C ASN A 92 25.66 -16.87 -18.57
N PRO A 93 25.60 -17.94 -19.36
CA PRO A 93 25.67 -17.82 -20.82
C PRO A 93 24.75 -16.69 -21.30
N ILE A 94 25.22 -15.74 -22.09
CA ILE A 94 24.40 -14.59 -22.46
C ILE A 94 23.18 -14.95 -23.28
N LYS A 95 22.99 -16.20 -23.67
CA LYS A 95 21.73 -16.63 -24.28
C LYS A 95 20.60 -16.62 -23.25
N PHE A 96 20.95 -16.47 -21.98
CA PHE A 96 19.98 -16.38 -20.89
C PHE A 96 19.54 -14.94 -20.66
N ASP A 97 20.31 -14.00 -21.19
CA ASP A 97 19.97 -12.60 -20.99
C ASP A 97 18.61 -12.26 -21.55
N GLY A 98 17.63 -12.00 -20.68
CA GLY A 98 16.29 -11.58 -21.10
C GLY A 98 15.28 -12.71 -20.93
N VAL A 99 15.77 -13.85 -20.48
CA VAL A 99 14.94 -15.05 -20.29
C VAL A 99 13.71 -14.68 -19.46
N GLU A 100 12.56 -15.23 -19.82
CA GLU A 100 11.29 -14.86 -19.23
C GLU A 100 11.01 -15.43 -17.83
N ASP A 101 11.68 -16.50 -17.47
CA ASP A 101 11.61 -17.17 -16.18
C ASP A 101 13.03 -17.42 -15.67
N MET A 102 13.38 -16.75 -14.56
CA MET A 102 14.76 -16.86 -14.08
C MET A 102 15.05 -18.17 -13.37
N SER A 103 14.06 -19.05 -13.24
CA SER A 103 14.37 -20.37 -12.69
C SER A 103 15.19 -21.20 -13.68
N GLU A 104 15.23 -20.72 -14.91
CA GLU A 104 15.95 -21.36 -16.00
C GLU A 104 17.43 -21.02 -16.02
N LEU A 105 17.82 -19.97 -15.31
CA LEU A 105 19.22 -19.56 -15.18
C LEU A 105 20.07 -20.68 -14.58
N SER A 106 21.27 -20.92 -15.13
CA SER A 106 22.10 -22.00 -14.60
C SER A 106 22.78 -21.58 -13.29
N TYR A 107 23.27 -20.34 -13.28
CA TYR A 107 23.82 -19.73 -12.08
C TYR A 107 22.75 -18.85 -11.47
N LEU A 108 22.28 -19.25 -10.28
CA LEU A 108 21.33 -18.37 -9.59
C LEU A 108 22.08 -17.51 -8.58
N ASN A 109 22.31 -16.23 -8.86
CA ASN A 109 23.02 -15.39 -7.90
C ASN A 109 22.63 -13.93 -8.08
N GLU A 110 23.07 -13.07 -7.16
CA GLU A 110 22.47 -11.74 -7.10
C GLU A 110 22.74 -10.90 -8.33
N PRO A 111 23.99 -10.74 -8.77
CA PRO A 111 24.23 -9.99 -10.01
C PRO A 111 23.59 -10.68 -11.20
N ALA A 112 23.60 -12.01 -11.29
CA ALA A 112 22.95 -12.67 -12.43
C ALA A 112 21.46 -12.33 -12.47
N VAL A 113 20.79 -12.47 -11.32
CA VAL A 113 19.36 -12.18 -11.28
C VAL A 113 19.12 -10.72 -11.62
N PHE A 114 19.82 -9.78 -10.99
CA PHE A 114 19.65 -8.37 -11.31
C PHE A 114 19.91 -8.05 -12.77
N HIS A 115 20.99 -8.59 -13.32
CA HIS A 115 21.39 -8.41 -14.71
C HIS A 115 20.26 -8.76 -15.68
N ASN A 116 19.67 -9.93 -15.46
CA ASN A 116 18.55 -10.36 -16.28
C ASN A 116 17.38 -9.39 -16.19
N LEU A 117 17.08 -8.90 -14.99
CA LEU A 117 15.96 -7.96 -14.90
C LEU A 117 16.34 -6.66 -15.59
N ARG A 118 17.64 -6.36 -15.56
CA ARG A 118 18.17 -5.16 -16.21
C ARG A 118 17.95 -5.24 -17.72
N VAL A 119 18.44 -6.33 -18.31
CA VAL A 119 18.29 -6.55 -19.76
C VAL A 119 16.84 -6.39 -20.15
N ARG A 120 15.96 -7.08 -19.43
CA ARG A 120 14.55 -6.98 -19.80
C ARG A 120 14.06 -5.55 -19.62
N TYR A 121 14.42 -4.94 -18.49
CA TYR A 121 13.94 -3.60 -18.19
C TYR A 121 14.41 -2.58 -19.22
N ASN A 122 15.64 -2.76 -19.70
CA ASN A 122 16.23 -1.86 -20.69
C ASN A 122 15.41 -1.84 -21.98
N GLN A 123 14.62 -2.89 -22.26
CA GLN A 123 13.72 -2.84 -23.40
C GLN A 123 12.26 -2.75 -22.97
N ASP A 124 12.00 -2.14 -21.82
CA ASP A 124 10.63 -1.95 -21.36
C ASP A 124 9.90 -3.27 -21.13
N LEU A 125 10.62 -4.35 -20.84
CA LEU A 125 9.99 -5.60 -20.39
C LEU A 125 9.98 -5.59 -18.86
N ILE A 126 8.89 -5.13 -18.25
CA ILE A 126 8.86 -4.91 -16.80
C ILE A 126 8.48 -6.15 -16.03
N TYR A 127 7.87 -7.12 -16.70
CA TYR A 127 7.52 -8.39 -16.09
C TYR A 127 8.50 -9.52 -16.42
N THR A 128 8.78 -10.33 -15.41
CA THR A 128 9.70 -11.45 -15.48
C THR A 128 9.23 -12.48 -14.46
N TYR A 129 9.21 -13.76 -14.81
CA TYR A 129 8.82 -14.75 -13.81
C TYR A 129 10.06 -15.14 -13.00
N SER A 130 9.79 -15.50 -11.75
CA SER A 130 10.83 -15.90 -10.81
C SER A 130 10.43 -17.21 -10.15
N GLY A 131 10.33 -18.25 -10.98
CA GLY A 131 9.73 -19.51 -10.57
C GLY A 131 8.22 -19.36 -10.50
N LEU A 132 7.64 -19.69 -9.35
CA LEU A 132 6.19 -19.69 -9.18
C LEU A 132 5.57 -18.30 -9.15
N PHE A 133 6.37 -17.24 -8.92
CA PHE A 133 5.74 -15.92 -8.89
C PHE A 133 6.34 -14.98 -9.94
N LEU A 134 5.66 -13.86 -10.08
CA LEU A 134 5.93 -12.75 -10.97
C LEU A 134 6.63 -11.59 -10.27
N VAL A 135 7.56 -10.99 -10.99
CA VAL A 135 8.30 -9.81 -10.59
C VAL A 135 7.95 -8.68 -11.55
N ALA A 136 7.69 -7.49 -11.02
CA ALA A 136 7.32 -6.33 -11.82
C ALA A 136 8.09 -5.08 -11.43
N VAL A 137 9.03 -4.67 -12.28
CA VAL A 137 9.82 -3.46 -12.02
C VAL A 137 9.11 -2.22 -12.56
N ASN A 138 8.79 -1.28 -11.68
CA ASN A 138 8.06 -0.09 -12.07
C ASN A 138 8.70 0.68 -13.21
N PRO A 139 8.06 0.87 -14.36
CA PRO A 139 8.71 1.60 -15.46
C PRO A 139 8.67 3.11 -15.33
N PHE A 140 7.70 3.65 -14.59
CA PHE A 140 7.54 5.08 -14.42
C PHE A 140 7.35 5.80 -15.76
N LYS A 141 6.73 5.08 -16.68
CA LYS A 141 6.23 5.58 -17.95
C LYS A 141 5.21 4.63 -18.49
N ARG A 142 4.48 5.05 -19.50
CA ARG A 142 3.46 4.22 -20.07
C ARG A 142 4.03 3.28 -21.07
N ILE A 143 3.58 2.04 -21.03
CA ILE A 143 3.84 1.06 -22.05
C ILE A 143 2.50 0.47 -22.49
N PRO A 144 2.28 0.33 -23.80
CA PRO A 144 0.99 -0.06 -24.37
C PRO A 144 0.73 -1.55 -24.29
N ILE A 145 0.78 -2.11 -23.08
CA ILE A 145 0.59 -3.55 -22.93
C ILE A 145 -0.65 -3.91 -22.11
N TYR A 146 -1.60 -2.99 -21.96
CA TYR A 146 -2.84 -3.30 -21.26
C TYR A 146 -4.09 -2.93 -22.06
N THR A 147 -4.05 -3.05 -23.39
CA THR A 147 -5.23 -2.80 -24.22
C THR A 147 -6.13 -4.04 -24.20
N GLN A 148 -7.35 -3.90 -24.68
CA GLN A 148 -8.27 -5.03 -24.77
C GLN A 148 -7.68 -6.13 -25.66
N GLU A 149 -6.91 -5.70 -26.64
CA GLU A 149 -6.12 -6.52 -27.55
C GLU A 149 -5.13 -7.38 -26.79
N MET A 150 -4.38 -6.75 -25.88
CA MET A 150 -3.48 -7.50 -25.02
C MET A 150 -4.24 -8.43 -24.10
N VAL A 151 -5.36 -7.93 -23.55
CA VAL A 151 -6.19 -8.75 -22.68
C VAL A 151 -6.57 -10.04 -23.39
N ASP A 152 -7.10 -9.90 -24.60
CA ASP A 152 -7.58 -11.04 -25.38
C ASP A 152 -6.50 -12.08 -25.67
N ILE A 153 -5.26 -11.64 -25.82
CA ILE A 153 -4.18 -12.59 -26.10
C ILE A 153 -4.00 -13.62 -25.00
N PHE A 154 -4.10 -13.19 -23.75
CA PHE A 154 -3.71 -13.97 -22.61
C PHE A 154 -4.78 -14.93 -22.20
N LYS A 155 -5.96 -14.70 -22.71
CA LYS A 155 -7.11 -15.53 -22.46
C LYS A 155 -6.89 -17.02 -22.70
N GLY A 156 -7.03 -17.79 -21.65
CA GLY A 156 -6.96 -19.22 -21.76
C GLY A 156 -5.55 -19.73 -21.95
N ARG A 157 -4.60 -18.84 -22.12
CA ARG A 157 -3.25 -19.23 -22.44
C ARG A 157 -2.47 -19.67 -21.24
N ARG A 158 -1.65 -20.67 -21.41
CA ARG A 158 -0.86 -21.10 -20.25
C ARG A 158 0.38 -20.25 -20.10
N ARG A 159 0.79 -20.07 -18.85
CA ARG A 159 1.91 -19.22 -18.46
C ARG A 159 3.10 -19.40 -19.39
N ASN A 160 3.54 -20.65 -19.57
CA ASN A 160 4.67 -20.97 -20.42
C ASN A 160 4.39 -20.67 -21.89
N GLU A 161 3.12 -20.45 -22.21
CA GLU A 161 2.67 -20.23 -23.58
C GLU A 161 2.74 -18.76 -23.98
N VAL A 162 2.65 -17.85 -23.03
CA VAL A 162 2.74 -16.42 -23.32
C VAL A 162 3.85 -15.77 -22.52
N ALA A 163 4.14 -14.50 -22.84
CA ALA A 163 5.19 -13.77 -22.14
C ALA A 163 4.77 -13.44 -20.72
N PRO A 164 5.71 -13.23 -19.80
CA PRO A 164 5.31 -12.78 -18.45
C PRO A 164 4.43 -11.54 -18.50
N HIS A 165 3.28 -11.61 -17.83
CA HIS A 165 2.42 -10.43 -17.73
C HIS A 165 1.56 -10.54 -16.47
N ILE A 166 1.05 -9.40 -16.02
CA ILE A 166 0.17 -9.42 -14.87
C ILE A 166 -1.18 -10.02 -15.28
N PHE A 167 -1.50 -9.85 -16.56
CA PHE A 167 -2.70 -10.45 -17.13
C PHE A 167 -2.65 -11.97 -17.06
N ALA A 168 -1.46 -12.51 -17.26
CA ALA A 168 -1.20 -13.93 -17.31
C ALA A 168 -1.31 -14.60 -15.95
N ILE A 169 -0.78 -13.93 -14.92
CA ILE A 169 -0.91 -14.55 -13.60
C ILE A 169 -2.38 -14.44 -13.18
N SER A 170 -3.06 -13.39 -13.64
CA SER A 170 -4.49 -13.25 -13.38
C SER A 170 -5.28 -14.41 -13.98
N ASP A 171 -4.91 -14.75 -15.21
CA ASP A 171 -5.55 -15.83 -15.93
C ASP A 171 -5.35 -17.14 -15.17
N VAL A 172 -4.09 -17.37 -14.80
CA VAL A 172 -3.75 -18.61 -14.10
C VAL A 172 -4.59 -18.77 -12.85
N ALA A 173 -4.84 -17.67 -12.13
CA ALA A 173 -5.63 -17.77 -10.90
C ALA A 173 -7.07 -18.12 -11.23
N TYR A 174 -7.60 -17.52 -12.30
CA TYR A 174 -8.95 -17.79 -12.78
C TYR A 174 -9.17 -19.26 -13.09
N ARG A 175 -8.29 -19.84 -13.91
CA ARG A 175 -8.38 -21.24 -14.27
C ARG A 175 -8.32 -22.13 -13.03
N SER A 176 -7.40 -21.82 -12.11
CA SER A 176 -7.19 -22.58 -10.89
C SER A 176 -8.44 -22.55 -10.03
N MET A 177 -9.15 -21.44 -10.12
CA MET A 177 -10.41 -21.27 -9.40
C MET A 177 -11.50 -22.16 -10.00
N LEU A 178 -11.55 -22.18 -11.33
CA LEU A 178 -12.52 -23.02 -12.03
C LEU A 178 -12.18 -24.50 -11.95
N ASP A 179 -10.90 -24.83 -12.08
CA ASP A 179 -10.52 -26.23 -12.16
C ASP A 179 -10.47 -26.91 -10.80
N ASP A 180 -9.87 -26.23 -9.82
CA ASP A 180 -9.78 -26.76 -8.47
C ASP A 180 -11.02 -26.44 -7.66
N ARG A 181 -11.79 -25.45 -8.13
CA ARG A 181 -12.96 -25.01 -7.38
C ARG A 181 -12.55 -24.49 -6.01
N GLN A 182 -11.50 -23.67 -6.01
CA GLN A 182 -10.92 -23.13 -4.79
C GLN A 182 -10.73 -21.62 -4.88
N ASN A 183 -11.07 -20.93 -3.80
CA ASN A 183 -10.93 -19.48 -3.83
C ASN A 183 -9.45 -19.12 -4.05
N GLN A 184 -9.21 -17.98 -4.68
CA GLN A 184 -7.83 -17.61 -4.97
C GLN A 184 -7.52 -16.22 -4.43
N SER A 185 -6.24 -15.90 -4.34
CA SER A 185 -5.85 -14.55 -3.93
C SER A 185 -4.62 -14.06 -4.70
N LEU A 186 -4.67 -12.77 -5.06
CA LEU A 186 -3.51 -12.15 -5.68
C LEU A 186 -2.83 -11.18 -4.73
N LEU A 187 -1.71 -11.60 -4.18
CA LEU A 187 -0.91 -10.82 -3.25
C LEU A 187 0.26 -10.09 -3.92
N ILE A 188 0.09 -8.80 -4.07
CA ILE A 188 1.03 -7.89 -4.70
C ILE A 188 1.84 -7.11 -3.68
N THR A 189 3.08 -7.52 -3.46
CA THR A 189 3.99 -6.87 -2.52
C THR A 189 4.70 -5.67 -3.14
N GLY A 190 5.23 -4.80 -2.27
CA GLY A 190 6.04 -3.70 -2.70
C GLY A 190 6.17 -2.58 -1.70
N GLU A 191 7.32 -1.89 -1.74
CA GLU A 191 7.45 -0.71 -0.92
C GLU A 191 6.67 0.42 -1.59
N SER A 192 6.54 1.55 -0.91
CA SER A 192 5.80 2.68 -1.44
C SER A 192 6.29 3.11 -2.82
N GLY A 193 5.39 3.18 -3.79
CA GLY A 193 5.74 3.65 -5.12
C GLY A 193 6.10 2.54 -6.08
N ALA A 194 6.30 1.31 -5.61
CA ALA A 194 6.75 0.18 -6.43
C ALA A 194 5.81 -0.22 -7.57
N GLY A 195 4.51 0.03 -7.52
CA GLY A 195 3.55 -0.34 -8.54
C GLY A 195 2.42 -1.25 -8.14
N LYS A 196 2.16 -1.46 -6.86
CA LYS A 196 1.10 -2.34 -6.39
C LYS A 196 -0.30 -1.95 -6.86
N THR A 197 -0.60 -0.66 -6.77
CA THR A 197 -1.93 -0.18 -7.16
C THR A 197 -2.16 -0.24 -8.67
N GLU A 198 -1.14 0.00 -9.49
CA GLU A 198 -1.31 -0.02 -10.94
C GLU A 198 -1.60 -1.45 -11.40
N ASN A 199 -0.75 -2.36 -10.95
CA ASN A 199 -0.95 -3.77 -11.24
C ASN A 199 -2.27 -4.29 -10.67
N THR A 200 -2.64 -3.79 -9.50
CA THR A 200 -3.92 -4.12 -8.88
C THR A 200 -5.07 -3.78 -9.84
N LYS A 201 -5.10 -2.54 -10.33
CA LYS A 201 -6.09 -2.15 -11.33
C LYS A 201 -6.05 -3.03 -12.59
N LYS A 202 -4.92 -3.67 -12.85
CA LYS A 202 -4.81 -4.50 -14.04
C LYS A 202 -5.46 -5.86 -13.81
N VAL A 203 -5.17 -6.46 -12.66
CA VAL A 203 -5.80 -7.73 -12.30
C VAL A 203 -7.31 -7.63 -12.45
N ILE A 204 -7.88 -6.49 -12.04
CA ILE A 204 -9.33 -6.35 -12.01
C ILE A 204 -9.91 -6.11 -13.40
N GLN A 205 -9.27 -5.25 -14.18
CA GLN A 205 -9.65 -5.05 -15.57
C GLN A 205 -9.64 -6.39 -16.31
N TYR A 206 -8.59 -7.19 -16.09
CA TYR A 206 -8.53 -8.47 -16.79
C TYR A 206 -9.58 -9.44 -16.26
N LEU A 207 -9.82 -9.49 -14.94
CA LEU A 207 -10.85 -10.40 -14.45
C LEU A 207 -12.24 -9.96 -14.92
N ALA A 208 -12.50 -8.66 -14.90
CA ALA A 208 -13.75 -8.10 -15.38
C ALA A 208 -14.04 -8.43 -16.84
N SER A 209 -13.01 -8.38 -17.69
CA SER A 209 -13.18 -8.63 -19.12
C SER A 209 -13.34 -10.12 -19.41
N VAL A 210 -12.34 -10.93 -19.09
CA VAL A 210 -12.43 -12.35 -19.38
C VAL A 210 -13.58 -13.04 -18.66
N ALA A 211 -14.20 -12.39 -17.67
CA ALA A 211 -15.22 -13.08 -16.88
C ALA A 211 -16.53 -12.30 -16.83
N GLY A 212 -16.56 -11.11 -17.41
CA GLY A 212 -17.74 -10.27 -17.47
C GLY A 212 -18.83 -10.85 -18.37
N ARG A 213 -20.09 -10.52 -18.07
CA ARG A 213 -21.20 -11.02 -18.89
C ARG A 213 -20.98 -10.62 -20.35
N ASN A 214 -21.68 -11.30 -21.26
CA ASN A 214 -21.55 -11.03 -22.68
C ASN A 214 -22.79 -11.45 -23.46
N GLN A 215 -23.76 -10.95 -23.47
CA GLN A 215 -24.94 -10.61 -24.26
C GLN A 215 -25.79 -9.56 -23.55
N ALA A 216 -26.62 -8.94 -23.74
CA ALA A 216 -27.05 -7.59 -23.43
C ALA A 216 -27.09 -7.37 -21.91
N ASN A 217 -26.66 -6.19 -21.48
CA ASN A 217 -27.38 -5.44 -20.45
C ASN A 217 -27.69 -6.31 -19.23
N GLY A 218 -26.66 -6.91 -18.66
CA GLY A 218 -25.90 -6.29 -17.59
C GLY A 218 -24.45 -6.04 -17.98
N SER A 219 -24.04 -6.60 -19.11
CA SER A 219 -22.67 -7.07 -19.27
C SER A 219 -21.68 -5.92 -19.18
N GLY A 220 -21.14 -5.71 -17.98
CA GLY A 220 -20.36 -4.52 -17.71
C GLY A 220 -21.22 -3.30 -17.41
N VAL A 221 -22.40 -3.55 -16.85
CA VAL A 221 -22.96 -2.66 -15.84
C VAL A 221 -22.32 -2.90 -14.47
N LEU A 222 -22.43 -4.13 -13.99
CA LEU A 222 -21.70 -4.55 -12.80
C LEU A 222 -20.21 -4.30 -13.05
N GLU A 223 -19.67 -5.08 -13.98
CA GLU A 223 -18.29 -5.01 -14.43
C GLU A 223 -17.79 -3.57 -14.53
N GLN A 224 -18.56 -2.69 -15.16
CA GLN A 224 -18.13 -1.30 -15.25
C GLN A 224 -18.17 -0.61 -13.89
N GLN A 225 -19.07 -1.06 -13.02
CA GLN A 225 -19.18 -0.39 -11.72
C GLN A 225 -18.00 -0.80 -10.84
N ILE A 226 -17.72 -2.10 -10.87
CA ILE A 226 -16.54 -2.69 -10.25
C ILE A 226 -15.32 -1.83 -10.60
N LEU A 227 -15.23 -1.49 -11.88
CA LEU A 227 -14.17 -0.66 -12.42
C LEU A 227 -14.22 0.76 -11.86
N GLN A 228 -15.41 1.36 -11.87
CA GLN A 228 -15.56 2.74 -11.45
C GLN A 228 -15.43 2.92 -9.95
N ALA A 229 -15.26 1.85 -9.18
CA ALA A 229 -15.15 2.07 -7.74
C ALA A 229 -13.77 2.62 -7.37
N ASN A 230 -12.71 2.19 -8.05
CA ASN A 230 -11.35 2.60 -7.71
C ASN A 230 -11.09 4.10 -7.79
N PRO A 231 -11.43 4.76 -8.89
CA PRO A 231 -11.18 6.21 -8.96
C PRO A 231 -11.90 6.97 -7.85
N ILE A 232 -12.97 6.38 -7.31
CA ILE A 232 -13.69 7.03 -6.22
C ILE A 232 -12.77 7.06 -5.00
N LEU A 233 -12.31 5.86 -4.66
CA LEU A 233 -11.48 5.64 -3.48
C LEU A 233 -10.10 6.26 -3.62
N GLU A 234 -9.58 6.39 -4.84
CA GLU A 234 -8.25 7.01 -4.97
C GLU A 234 -8.31 8.51 -4.74
N ALA A 235 -9.41 9.14 -5.15
CA ALA A 235 -9.52 10.57 -4.91
C ALA A 235 -9.58 10.92 -3.43
N PHE A 236 -10.21 10.03 -2.67
CA PHE A 236 -10.39 10.27 -1.24
C PHE A 236 -9.32 9.55 -0.43
N GLY A 237 -8.77 8.49 -0.99
CA GLY A 237 -7.83 7.65 -0.28
C GLY A 237 -6.37 7.81 -0.63
N ASN A 238 -6.05 8.58 -1.66
CA ASN A 238 -4.67 8.68 -2.15
C ASN A 238 -4.17 10.12 -2.09
N ALA A 239 -2.87 10.27 -1.88
CA ALA A 239 -2.27 11.59 -1.84
C ALA A 239 -0.81 11.53 -2.29
N LYS A 240 -0.28 12.73 -2.52
CA LYS A 240 1.13 12.83 -2.85
C LYS A 240 1.99 12.75 -1.60
N THR A 241 2.86 11.74 -1.54
CA THR A 241 3.87 11.71 -0.50
C THR A 241 5.22 11.95 -1.17
N THR A 242 6.28 11.99 -0.37
CA THR A 242 7.61 12.19 -0.91
C THR A 242 8.06 10.96 -1.70
N ARG A 243 7.31 9.86 -1.62
CA ARG A 243 7.77 8.65 -2.30
C ARG A 243 6.90 8.21 -3.46
N ASN A 244 5.69 8.76 -3.53
CA ASN A 244 4.78 8.38 -4.60
C ASN A 244 3.69 9.45 -4.80
N ASN A 245 3.62 9.99 -6.01
CA ASN A 245 2.69 11.05 -6.30
C ASN A 245 1.24 10.60 -6.15
N ASN A 246 1.01 9.29 -6.21
CA ASN A 246 -0.32 8.73 -6.03
C ASN A 246 -0.33 7.69 -4.91
N SER A 247 0.23 8.05 -3.76
CA SER A 247 0.31 7.07 -2.67
C SER A 247 -1.07 6.64 -2.17
N SER A 248 -1.27 5.33 -2.03
CA SER A 248 -2.45 4.77 -1.39
C SER A 248 -2.33 4.96 0.12
N ARG A 249 -3.11 5.85 0.72
CA ARG A 249 -3.00 6.11 2.16
C ARG A 249 -4.03 5.29 2.95
N PHE A 250 -4.47 4.19 2.36
CA PHE A 250 -5.34 3.19 2.96
C PHE A 250 -5.09 1.86 2.25
N GLY A 251 -5.28 0.76 2.95
CA GLY A 251 -5.11 -0.57 2.38
C GLY A 251 -6.45 -1.12 1.94
N LYS A 252 -6.43 -2.05 0.99
CA LYS A 252 -7.71 -2.65 0.59
C LYS A 252 -7.51 -4.09 0.09
N PHE A 253 -8.50 -4.89 0.45
CA PHE A 253 -8.72 -6.25 0.01
C PHE A 253 -9.97 -6.25 -0.85
N ILE A 254 -9.75 -6.54 -2.13
CA ILE A 254 -10.86 -6.55 -3.08
C ILE A 254 -11.26 -7.99 -3.39
N GLU A 255 -12.54 -8.25 -3.09
CA GLU A 255 -13.10 -9.54 -3.47
C GLU A 255 -13.72 -9.44 -4.85
N ILE A 256 -13.16 -10.17 -5.81
CA ILE A 256 -13.87 -10.27 -7.10
C ILE A 256 -14.64 -11.59 -7.05
N GLN A 257 -15.95 -11.52 -7.17
CA GLN A 257 -16.74 -12.73 -6.91
C GLN A 257 -17.37 -13.29 -8.17
N PHE A 258 -17.47 -14.63 -8.22
CA PHE A 258 -18.01 -15.36 -9.34
C PHE A 258 -19.07 -16.39 -8.94
N ASN A 259 -19.77 -16.89 -9.94
CA ASN A 259 -20.76 -17.95 -9.77
C ASN A 259 -20.14 -19.30 -10.06
N SER A 260 -20.92 -20.37 -9.94
CA SER A 260 -20.37 -21.71 -10.21
C SER A 260 -19.93 -21.81 -11.67
N ALA A 261 -20.52 -21.00 -12.52
CA ALA A 261 -20.22 -21.01 -13.95
C ALA A 261 -18.93 -20.28 -14.29
N GLY A 262 -18.51 -19.37 -13.41
CA GLY A 262 -17.28 -18.63 -13.67
C GLY A 262 -17.55 -17.21 -14.10
N PHE A 263 -18.81 -16.79 -14.10
CA PHE A 263 -19.08 -15.39 -14.45
C PHE A 263 -19.03 -14.51 -13.21
N ILE A 264 -18.74 -13.22 -13.41
CA ILE A 264 -18.65 -12.32 -12.27
C ILE A 264 -20.01 -12.10 -11.63
N SER A 265 -20.16 -12.52 -10.38
CA SER A 265 -21.43 -12.26 -9.70
C SER A 265 -21.36 -11.00 -8.86
N GLY A 266 -20.15 -10.51 -8.57
CA GLY A 266 -20.00 -9.28 -7.83
C GLY A 266 -18.61 -9.07 -7.26
N ALA A 267 -18.48 -8.08 -6.38
CA ALA A 267 -17.20 -7.73 -5.77
C ALA A 267 -17.41 -6.97 -4.45
N SER A 268 -16.45 -7.08 -3.55
CA SER A 268 -16.52 -6.48 -2.23
C SER A 268 -15.21 -5.80 -1.87
N ILE A 269 -15.28 -4.59 -1.35
CA ILE A 269 -14.07 -3.88 -0.95
C ILE A 269 -13.99 -3.75 0.57
N GLN A 270 -12.92 -4.31 1.14
CA GLN A 270 -12.65 -4.09 2.57
C GLN A 270 -11.57 -3.04 2.74
N SER A 271 -11.83 -1.92 3.41
CA SER A 271 -10.80 -0.89 3.56
C SER A 271 -10.06 -1.03 4.88
N TYR A 272 -8.79 -0.62 4.89
CA TYR A 272 -7.92 -0.75 6.04
C TYR A 272 -7.05 0.48 6.32
N LEU A 273 -7.11 0.93 7.58
CA LEU A 273 -6.15 1.88 8.10
C LEU A 273 -5.98 3.15 7.29
N LEU A 274 -7.07 3.88 7.05
CA LEU A 274 -6.93 5.18 6.41
C LEU A 274 -6.14 6.15 7.28
N GLU A 275 -5.20 6.86 6.67
CA GLU A 275 -4.35 7.84 7.32
C GLU A 275 -5.09 9.13 7.57
N LYS A 276 -5.98 9.16 8.59
CA LYS A 276 -6.77 10.38 8.70
C LYS A 276 -5.94 11.54 9.20
N SER A 277 -4.75 11.33 9.77
CA SER A 277 -4.01 12.56 10.11
C SER A 277 -3.58 13.37 8.89
N ARG A 278 -3.56 12.81 7.69
CA ARG A 278 -3.12 13.55 6.50
C ARG A 278 -4.00 14.78 6.29
N VAL A 279 -5.29 14.64 6.62
CA VAL A 279 -6.25 15.72 6.42
C VAL A 279 -5.84 16.98 7.16
N VAL A 280 -5.25 16.82 8.35
CA VAL A 280 -4.95 17.99 9.18
C VAL A 280 -3.47 18.30 9.16
N PHE A 281 -2.64 17.37 8.68
CA PHE A 281 -1.21 17.66 8.63
C PHE A 281 -0.56 17.07 7.39
N GLN A 282 0.36 17.82 6.78
CA GLN A 282 1.16 17.30 5.68
C GLN A 282 2.61 17.77 5.77
N SER A 283 3.53 16.80 5.73
CA SER A 283 4.94 17.14 5.66
C SER A 283 5.27 17.96 4.43
N GLU A 284 6.42 18.62 4.41
CA GLU A 284 6.81 19.47 3.29
C GLU A 284 6.82 18.75 1.94
N THR A 285 6.23 19.35 0.92
CA THR A 285 6.17 18.97 -0.47
C THR A 285 5.07 17.92 -0.71
N GLU A 286 4.45 17.42 0.35
CA GLU A 286 3.37 16.46 0.16
C GLU A 286 2.06 17.18 -0.09
N ARG A 287 1.00 16.42 -0.39
CA ARG A 287 -0.32 17.02 -0.52
C ARG A 287 -1.31 16.35 0.43
N ASN A 288 -2.43 17.01 0.68
CA ASN A 288 -3.58 16.43 1.36
C ASN A 288 -4.21 15.42 0.41
N TYR A 289 -5.38 14.86 0.72
CA TYR A 289 -5.98 13.92 -0.23
C TYR A 289 -6.32 14.61 -1.54
N HIS A 290 -6.28 13.87 -2.65
CA HIS A 290 -6.47 14.49 -3.97
C HIS A 290 -7.79 15.24 -4.00
N ILE A 291 -8.80 14.69 -3.33
CA ILE A 291 -10.15 15.24 -3.47
C ILE A 291 -10.18 16.72 -3.09
N PHE A 292 -9.39 17.12 -2.12
CA PHE A 292 -9.43 18.54 -1.75
C PHE A 292 -9.05 19.43 -2.91
N TYR A 293 -7.96 19.10 -3.62
CA TYR A 293 -7.49 19.94 -4.72
C TYR A 293 -8.39 19.81 -5.95
N GLN A 294 -8.99 18.64 -6.12
CA GLN A 294 -9.92 18.41 -7.22
C GLN A 294 -11.15 19.30 -7.12
N LEU A 295 -11.73 19.41 -5.93
CA LEU A 295 -12.92 20.21 -5.72
C LEU A 295 -12.69 21.70 -6.00
N LEU A 296 -11.73 22.27 -5.30
CA LEU A 296 -11.38 23.67 -5.40
C LEU A 296 -11.03 24.08 -6.82
N ALA A 297 -10.57 23.10 -7.60
CA ALA A 297 -10.14 23.33 -8.97
C ALA A 297 -11.21 22.93 -9.97
N GLY A 298 -12.08 22.00 -9.60
CA GLY A 298 -13.08 21.48 -10.50
C GLY A 298 -14.48 21.96 -10.25
N ALA A 299 -14.73 22.63 -9.11
CA ALA A 299 -16.12 23.08 -8.92
C ALA A 299 -16.45 24.25 -9.84
N THR A 300 -17.73 24.39 -10.14
CA THR A 300 -18.21 25.56 -10.87
C THR A 300 -18.10 26.80 -9.99
N ALA A 301 -18.04 27.99 -10.58
CA ALA A 301 -17.93 29.20 -9.76
C ALA A 301 -19.13 29.32 -8.83
N GLU A 302 -20.24 28.76 -9.26
CA GLU A 302 -21.50 28.60 -8.56
C GLU A 302 -21.30 27.77 -7.30
N GLU A 303 -20.91 26.50 -7.42
CA GLU A 303 -20.69 25.67 -6.23
C GLU A 303 -19.61 26.33 -5.37
N LYS A 304 -18.61 26.90 -6.04
CA LYS A 304 -17.57 27.65 -5.38
C LYS A 304 -18.19 28.68 -4.43
N LYS A 305 -19.31 29.26 -4.83
CA LYS A 305 -20.04 30.28 -4.10
C LYS A 305 -20.91 29.70 -2.99
N ALA A 306 -21.55 28.57 -3.29
CA ALA A 306 -22.37 27.87 -2.31
C ALA A 306 -21.54 27.26 -1.19
N LEU A 307 -20.32 26.84 -1.54
CA LEU A 307 -19.47 26.20 -0.54
C LEU A 307 -18.42 27.16 0.01
N HIS A 308 -18.55 28.44 -0.28
CA HIS A 308 -17.69 29.47 0.30
C HIS A 308 -16.22 29.17 0.05
N LEU A 309 -15.92 28.52 -1.06
CA LEU A 309 -14.56 28.05 -1.34
C LEU A 309 -13.66 29.20 -1.77
N ALA A 310 -12.36 28.96 -1.77
CA ALA A 310 -11.42 29.78 -2.53
C ALA A 310 -10.15 28.93 -2.47
N GLY A 311 -9.06 29.47 -3.01
CA GLY A 311 -7.88 28.77 -3.47
C GLY A 311 -7.25 27.93 -2.38
N PRO A 312 -6.56 26.87 -2.79
CA PRO A 312 -5.88 25.99 -1.83
C PRO A 312 -4.99 26.75 -0.87
N GLU A 313 -4.39 27.83 -1.38
CA GLU A 313 -3.45 28.58 -0.56
C GLU A 313 -4.18 29.38 0.52
N SER A 314 -5.50 29.40 0.43
CA SER A 314 -6.31 30.08 1.44
C SER A 314 -6.77 29.13 2.54
N PHE A 315 -6.43 27.84 2.47
CA PHE A 315 -6.81 26.93 3.53
C PHE A 315 -5.59 26.36 4.26
N ASN A 316 -5.71 26.34 5.58
CA ASN A 316 -4.68 25.94 6.51
C ASN A 316 -4.34 24.47 6.36
N TYR A 317 -5.33 23.70 5.92
CA TYR A 317 -5.11 22.27 5.71
C TYR A 317 -4.44 22.01 4.37
N LEU A 318 -4.18 23.05 3.58
CA LEU A 318 -3.68 22.89 2.22
C LEU A 318 -2.53 23.81 1.89
N ASN A 319 -2.19 24.73 2.79
CA ASN A 319 -1.17 25.72 2.42
C ASN A 319 0.04 25.61 3.31
N GLN A 320 0.30 24.42 3.85
CA GLN A 320 1.43 24.29 4.76
C GLN A 320 2.61 23.55 4.15
N SER A 321 2.33 22.61 3.24
CA SER A 321 3.39 21.77 2.71
C SER A 321 4.22 22.49 1.65
N GLY A 322 3.62 23.51 1.06
CA GLY A 322 4.18 24.29 -0.02
C GLY A 322 3.92 23.63 -1.37
N CYS A 323 3.03 22.64 -1.40
CA CYS A 323 2.69 21.97 -2.64
C CYS A 323 1.19 21.76 -2.81
N VAL A 324 0.66 22.26 -3.92
CA VAL A 324 -0.75 22.11 -4.25
C VAL A 324 -0.94 21.51 -5.63
N ASP A 325 0.16 21.22 -6.33
CA ASP A 325 0.06 20.67 -7.68
C ASP A 325 0.93 19.45 -7.86
N ILE A 326 0.47 18.51 -8.67
CA ILE A 326 1.27 17.33 -9.01
C ILE A 326 1.63 17.41 -10.49
N LYS A 327 2.91 17.38 -10.81
CA LYS A 327 3.31 17.55 -12.22
C LYS A 327 2.71 16.49 -13.12
N GLY A 328 1.96 16.93 -14.13
CA GLY A 328 1.38 15.99 -15.08
C GLY A 328 -0.02 15.56 -14.69
N VAL A 329 -0.51 16.13 -13.59
CA VAL A 329 -1.88 15.83 -13.18
C VAL A 329 -2.70 17.11 -13.27
N SER A 330 -3.94 16.96 -13.73
CA SER A 330 -4.83 18.12 -13.68
C SER A 330 -6.02 17.76 -12.76
N ASP A 331 -5.99 18.38 -11.59
CA ASP A 331 -6.98 18.16 -10.55
C ASP A 331 -8.38 18.43 -11.05
N SER A 332 -8.55 19.54 -11.77
CA SER A 332 -9.87 19.84 -12.32
C SER A 332 -10.34 18.73 -13.23
N GLU A 333 -9.38 18.08 -13.91
CA GLU A 333 -9.75 16.95 -14.78
C GLU A 333 -10.09 15.72 -13.96
N GLU A 334 -9.25 15.44 -12.96
CA GLU A 334 -9.54 14.27 -12.12
C GLU A 334 -10.90 14.48 -11.45
N PHE A 335 -11.20 15.73 -11.15
CA PHE A 335 -12.52 16.02 -10.58
C PHE A 335 -13.62 15.49 -11.48
N LYS A 336 -13.53 15.76 -12.78
CA LYS A 336 -14.55 15.24 -13.69
C LYS A 336 -14.63 13.72 -13.60
N ILE A 337 -13.46 13.09 -13.56
CA ILE A 337 -13.40 11.63 -13.51
C ILE A 337 -14.07 11.08 -12.27
N THR A 338 -13.80 11.71 -11.13
CA THR A 338 -14.38 11.24 -9.88
C THR A 338 -15.90 11.28 -9.98
N ARG A 339 -16.37 12.43 -10.42
CA ARG A 339 -17.81 12.64 -10.59
C ARG A 339 -18.44 11.61 -11.51
N GLN A 340 -17.87 11.42 -12.69
CA GLN A 340 -18.45 10.44 -13.60
C GLN A 340 -18.47 9.06 -12.96
N ALA A 341 -17.46 8.76 -12.15
CA ALA A 341 -17.37 7.46 -11.50
C ALA A 341 -18.44 7.30 -10.43
N MET A 342 -18.70 8.38 -9.70
CA MET A 342 -19.77 8.39 -8.71
C MET A 342 -21.14 8.22 -9.37
N ASP A 343 -21.33 8.79 -10.56
CA ASP A 343 -22.56 8.63 -11.32
C ASP A 343 -22.74 7.17 -11.75
N ILE A 344 -21.66 6.59 -12.29
CA ILE A 344 -21.73 5.20 -12.69
C ILE A 344 -22.12 4.34 -11.50
N VAL A 345 -21.36 4.50 -10.42
CA VAL A 345 -21.59 3.70 -9.22
C VAL A 345 -23.03 3.85 -8.77
N GLY A 346 -23.48 5.10 -8.69
CA GLY A 346 -24.86 5.36 -8.34
C GLY A 346 -25.00 6.39 -7.23
N PHE A 347 -24.08 7.36 -7.18
CA PHE A 347 -24.20 8.37 -6.13
C PHE A 347 -25.14 9.48 -6.60
N SER A 348 -26.35 9.46 -6.03
CA SER A 348 -27.37 10.48 -6.23
C SER A 348 -26.76 11.87 -6.22
N GLN A 349 -27.40 12.81 -6.92
CA GLN A 349 -26.87 14.17 -7.06
C GLN A 349 -26.94 14.90 -5.73
N GLU A 350 -27.86 14.40 -4.90
CA GLU A 350 -27.98 15.06 -3.60
C GLU A 350 -26.82 14.59 -2.74
N GLU A 351 -26.54 13.28 -2.83
CA GLU A 351 -25.45 12.68 -2.10
C GLU A 351 -24.11 13.28 -2.48
N GLN A 352 -23.87 13.41 -3.78
CA GLN A 352 -22.61 13.98 -4.24
C GLN A 352 -22.38 15.35 -3.65
N MET A 353 -23.40 16.22 -3.65
CA MET A 353 -23.15 17.57 -3.14
C MET A 353 -23.00 17.60 -1.61
N SER A 354 -23.51 16.59 -0.93
CA SER A 354 -23.32 16.48 0.52
C SER A 354 -21.85 16.15 0.79
N ILE A 355 -21.38 15.20 -0.03
CA ILE A 355 -19.98 14.78 0.02
C ILE A 355 -19.05 15.97 -0.10
N PHE A 356 -19.28 16.85 -1.08
CA PHE A 356 -18.36 18.00 -1.19
C PHE A 356 -18.71 19.06 -0.15
N LYS A 357 -19.89 18.94 0.44
CA LYS A 357 -20.23 19.82 1.56
C LYS A 357 -19.33 19.46 2.74
N ILE A 358 -19.12 18.16 2.89
CA ILE A 358 -18.25 17.68 3.96
C ILE A 358 -16.81 18.09 3.67
N ILE A 359 -16.39 17.90 2.42
CA ILE A 359 -15.04 18.32 2.01
C ILE A 359 -14.88 19.82 2.20
N ALA A 360 -15.82 20.64 1.74
CA ALA A 360 -15.62 22.07 2.03
C ALA A 360 -15.72 22.36 3.51
N GLY A 361 -16.60 21.63 4.21
CA GLY A 361 -16.76 21.88 5.64
C GLY A 361 -15.46 21.67 6.38
N ILE A 362 -14.82 20.54 6.08
CA ILE A 362 -13.53 20.21 6.69
C ILE A 362 -12.54 21.34 6.48
N LEU A 363 -12.55 21.89 5.25
CA LEU A 363 -11.62 22.99 4.97
C LEU A 363 -11.89 24.21 5.82
N HIS A 364 -13.15 24.61 6.01
CA HIS A 364 -13.42 25.78 6.86
C HIS A 364 -13.06 25.47 8.31
N LEU A 365 -13.40 24.28 8.80
CA LEU A 365 -13.04 23.89 10.16
C LEU A 365 -11.55 24.14 10.44
N GLY A 366 -10.70 23.79 9.46
CA GLY A 366 -9.27 23.98 9.57
C GLY A 366 -8.86 25.43 9.57
N ASN A 367 -9.76 26.33 9.17
CA ASN A 367 -9.39 27.74 9.16
C ASN A 367 -9.69 28.45 10.47
N ILE A 368 -10.40 27.80 11.38
CA ILE A 368 -10.76 28.38 12.67
C ILE A 368 -9.51 28.80 13.44
N LYS A 369 -9.40 30.05 13.92
CA LYS A 369 -8.21 30.41 14.68
C LYS A 369 -8.51 30.64 16.16
N PHE A 370 -8.03 29.72 16.99
CA PHE A 370 -8.29 29.85 18.41
C PHE A 370 -7.28 30.83 19.02
N GLU A 371 -7.75 31.65 19.95
CA GLU A 371 -6.84 32.58 20.60
C GLU A 371 -6.94 32.47 22.12
N LYS A 372 -5.90 32.90 22.82
CA LYS A 372 -5.96 32.86 24.27
C LYS A 372 -6.88 33.96 24.78
N GLY A 373 -7.78 33.60 25.70
CA GLY A 373 -8.70 34.60 26.23
C GLY A 373 -8.05 35.36 27.36
N ALA A 374 -8.83 36.11 28.14
CA ALA A 374 -8.19 36.74 29.30
C ALA A 374 -7.63 35.62 30.18
N GLY A 375 -8.43 34.56 30.26
CA GLY A 375 -8.05 33.38 31.03
C GLY A 375 -7.17 32.47 30.19
N GLU A 376 -6.82 31.30 30.70
CA GLU A 376 -5.99 30.40 29.89
C GLU A 376 -6.86 29.63 28.90
N GLY A 377 -8.17 29.80 29.03
CA GLY A 377 -9.14 29.16 28.15
C GLY A 377 -9.17 29.85 26.80
N ALA A 378 -9.72 29.20 25.78
CA ALA A 378 -9.66 29.76 24.43
C ALA A 378 -10.93 30.53 24.08
N VAL A 379 -10.77 31.42 23.11
CA VAL A 379 -11.86 32.18 22.51
C VAL A 379 -11.75 32.14 21.00
N LEU A 380 -12.85 32.46 20.33
CA LEU A 380 -12.93 32.51 18.88
C LEU A 380 -13.37 33.90 18.43
N LYS A 381 -12.39 34.79 18.25
CA LYS A 381 -12.55 36.19 17.91
C LYS A 381 -13.21 36.38 16.56
N ASP A 382 -12.72 35.66 15.56
CA ASP A 382 -13.37 35.70 14.25
C ASP A 382 -14.17 34.41 14.06
N LYS A 383 -15.46 34.56 13.82
CA LYS A 383 -16.39 33.46 13.64
C LYS A 383 -16.64 33.15 12.18
N THR A 384 -15.90 33.82 11.31
CA THR A 384 -16.06 33.65 9.86
C THR A 384 -15.94 32.19 9.44
N ALA A 385 -14.79 31.56 9.70
CA ALA A 385 -14.69 30.15 9.26
C ALA A 385 -15.70 29.30 10.03
N LEU A 386 -15.90 29.64 11.31
CA LEU A 386 -16.84 28.85 12.10
C LEU A 386 -18.22 28.86 11.46
N ASN A 387 -18.65 30.04 11.01
CA ASN A 387 -19.99 30.17 10.43
C ASN A 387 -20.09 29.52 9.07
N ALA A 388 -19.05 29.67 8.25
CA ALA A 388 -19.01 29.02 6.95
C ALA A 388 -19.12 27.51 7.07
N ALA A 389 -18.33 26.89 7.96
CA ALA A 389 -18.41 25.45 8.15
C ALA A 389 -19.79 25.02 8.63
N SER A 390 -20.26 25.72 9.66
CA SER A 390 -21.57 25.46 10.23
C SER A 390 -22.61 25.47 9.11
N THR A 391 -22.47 26.53 8.31
CA THR A 391 -23.36 26.74 7.16
C THR A 391 -23.34 25.53 6.25
N VAL A 392 -22.19 25.11 5.72
CA VAL A 392 -22.24 23.96 4.82
C VAL A 392 -22.54 22.65 5.52
N PHE A 393 -22.17 22.46 6.80
CA PHE A 393 -22.54 21.19 7.44
C PHE A 393 -24.01 21.15 7.82
N GLY A 394 -24.64 22.30 8.07
CA GLY A 394 -26.01 22.18 8.55
C GLY A 394 -26.02 21.93 10.06
N VAL A 395 -25.25 22.75 10.77
CA VAL A 395 -25.14 22.66 12.21
C VAL A 395 -25.07 24.07 12.80
N ASN A 396 -25.51 24.20 14.03
CA ASN A 396 -25.56 25.48 14.73
C ASN A 396 -24.16 25.92 15.15
N PRO A 397 -23.78 27.09 14.65
CA PRO A 397 -22.45 27.63 14.90
C PRO A 397 -22.13 27.82 16.38
N SER A 398 -23.13 28.15 17.20
CA SER A 398 -22.75 28.50 18.58
C SER A 398 -22.66 27.23 19.41
N VAL A 399 -23.44 26.22 19.02
CA VAL A 399 -23.32 24.90 19.62
C VAL A 399 -21.94 24.30 19.32
N LEU A 400 -21.58 24.37 18.04
CA LEU A 400 -20.30 23.90 17.55
C LEU A 400 -19.17 24.63 18.27
N GLU A 401 -19.35 25.93 18.44
CA GLU A 401 -18.35 26.74 19.14
C GLU A 401 -18.13 26.27 20.58
N LYS A 402 -19.23 25.99 21.28
CA LYS A 402 -19.20 25.55 22.67
C LYS A 402 -18.62 24.15 22.78
N ALA A 403 -19.08 23.27 21.89
CA ALA A 403 -18.56 21.93 21.71
C ALA A 403 -17.05 21.88 21.51
N LEU A 404 -16.49 22.89 20.84
CA LEU A 404 -15.07 22.93 20.52
C LEU A 404 -14.22 23.44 21.68
N MET A 405 -14.65 24.51 22.34
CA MET A 405 -13.80 25.13 23.35
C MET A 405 -14.23 24.84 24.79
N GLU A 406 -15.53 24.60 24.95
CA GLU A 406 -16.09 24.28 26.25
C GLU A 406 -16.84 22.95 26.24
N PRO A 407 -16.21 21.85 25.87
CA PRO A 407 -16.95 20.57 25.89
C PRO A 407 -17.27 20.15 27.32
N ARG A 408 -18.37 19.42 27.46
CA ARG A 408 -18.88 18.92 28.72
C ARG A 408 -18.44 17.48 28.92
N ILE A 409 -17.89 17.22 30.10
CA ILE A 409 -17.54 15.84 30.43
C ILE A 409 -18.09 15.48 31.81
N LEU A 410 -18.04 14.19 32.11
CA LEU A 410 -18.35 13.65 33.42
C LEU A 410 -17.12 13.69 34.32
N ALA A 411 -17.29 14.20 35.52
CA ALA A 411 -16.30 14.10 36.60
C ALA A 411 -16.96 13.28 37.71
N GLY A 412 -16.73 11.98 37.65
CA GLY A 412 -17.54 11.04 38.42
C GLY A 412 -18.86 10.87 37.70
N ARG A 413 -19.90 11.51 38.23
CA ARG A 413 -21.24 11.53 37.68
C ARG A 413 -21.65 12.98 37.44
N ASP A 414 -20.83 13.86 38.04
CA ASP A 414 -21.10 15.28 37.80
C ASP A 414 -20.92 15.61 36.32
N LEU A 415 -21.55 16.68 35.88
CA LEU A 415 -21.46 17.23 34.54
C LEU A 415 -20.67 18.53 34.58
N VAL A 416 -19.42 18.48 34.15
CA VAL A 416 -18.53 19.64 34.19
C VAL A 416 -18.19 20.17 32.81
N ALA A 417 -18.45 21.46 32.59
CA ALA A 417 -18.10 22.05 31.30
C ALA A 417 -16.63 22.46 31.31
N GLN A 418 -15.87 21.97 30.35
CA GLN A 418 -14.46 22.33 30.30
C GLN A 418 -14.22 23.66 29.59
N HIS A 419 -13.00 24.14 29.63
CA HIS A 419 -12.60 25.26 28.78
C HIS A 419 -11.16 25.02 28.33
N LEU A 420 -11.05 24.40 27.16
CA LEU A 420 -9.74 24.07 26.60
C LEU A 420 -8.97 25.32 26.21
N ASN A 421 -7.65 25.29 26.43
CA ASN A 421 -6.82 26.39 25.94
C ASN A 421 -6.74 26.30 24.42
N VAL A 422 -5.85 27.09 23.86
CA VAL A 422 -5.71 27.16 22.40
C VAL A 422 -5.37 25.79 21.81
N GLU A 423 -4.28 25.26 22.33
CA GLU A 423 -3.75 23.96 21.95
C GLU A 423 -4.85 22.90 21.95
N LYS A 424 -5.47 22.75 23.11
CA LYS A 424 -6.48 21.70 23.22
C LYS A 424 -7.62 21.91 22.24
N SER A 425 -8.00 23.17 22.06
CA SER A 425 -9.12 23.43 21.17
C SER A 425 -8.76 23.05 19.74
N SER A 426 -7.52 23.37 19.36
CA SER A 426 -7.08 23.05 18.01
C SER A 426 -7.07 21.55 17.79
N SER A 427 -6.58 20.81 18.79
CA SER A 427 -6.54 19.36 18.68
C SER A 427 -7.94 18.77 18.57
N SER A 428 -8.90 19.40 19.26
CA SER A 428 -10.26 18.90 19.25
C SER A 428 -10.90 19.18 17.89
N ARG A 429 -10.61 20.38 17.39
CA ARG A 429 -11.05 20.72 16.04
C ARG A 429 -10.51 19.69 15.07
N ASP A 430 -9.24 19.31 15.27
CA ASP A 430 -8.59 18.35 14.37
C ASP A 430 -9.22 16.97 14.47
N ALA A 431 -9.64 16.58 15.66
CA ALA A 431 -10.32 15.32 15.93
C ALA A 431 -11.65 15.21 15.20
N LEU A 432 -12.39 16.32 15.26
CA LEU A 432 -13.65 16.41 14.51
C LEU A 432 -13.42 16.12 13.03
N VAL A 433 -12.57 16.94 12.42
CA VAL A 433 -12.18 16.83 11.02
C VAL A 433 -11.85 15.39 10.65
N LYS A 434 -10.95 14.78 11.41
CA LYS A 434 -10.54 13.42 11.13
C LYS A 434 -11.67 12.42 11.29
N ALA A 435 -12.61 12.70 12.21
CA ALA A 435 -13.72 11.73 12.34
C ALA A 435 -14.67 11.87 11.16
N LEU A 436 -14.90 13.12 10.77
CA LEU A 436 -15.71 13.41 9.59
C LEU A 436 -15.14 12.71 8.36
N TYR A 437 -13.85 12.95 8.12
CA TYR A 437 -13.27 12.40 6.89
C TYR A 437 -13.29 10.87 6.91
N GLY A 438 -12.81 10.28 8.01
CA GLY A 438 -12.75 8.84 8.09
C GLY A 438 -14.12 8.18 8.05
N ARG A 439 -15.14 8.87 8.56
CA ARG A 439 -16.46 8.24 8.55
C ARG A 439 -17.02 8.31 7.12
N LEU A 440 -16.78 9.45 6.47
CA LEU A 440 -17.10 9.65 5.07
C LEU A 440 -16.50 8.54 4.22
N PHE A 441 -15.19 8.36 4.36
CA PHE A 441 -14.51 7.33 3.56
C PHE A 441 -15.16 5.97 3.75
N LEU A 442 -15.47 5.66 5.00
CA LEU A 442 -16.12 4.40 5.35
C LEU A 442 -17.51 4.30 4.73
N TRP A 443 -18.18 5.45 4.68
CA TRP A 443 -19.50 5.56 4.08
C TRP A 443 -19.43 5.36 2.57
N LEU A 444 -18.47 6.00 1.91
CA LEU A 444 -18.33 5.79 0.47
C LEU A 444 -18.13 4.32 0.17
N VAL A 445 -17.30 3.65 0.95
CA VAL A 445 -17.02 2.26 0.76
C VAL A 445 -18.21 1.34 1.01
N LYS A 446 -19.00 1.64 2.05
CA LYS A 446 -20.28 1.00 2.37
C LYS A 446 -21.29 1.05 1.23
N LYS A 447 -21.38 2.19 0.61
CA LYS A 447 -22.28 2.49 -0.46
C LYS A 447 -21.86 1.77 -1.73
N ILE A 448 -20.60 1.89 -2.12
CA ILE A 448 -20.05 1.06 -3.17
C ILE A 448 -20.40 -0.41 -3.00
N ASN A 449 -20.13 -0.97 -1.82
CA ASN A 449 -20.38 -2.38 -1.61
C ASN A 449 -21.84 -2.77 -1.78
N ASN A 450 -22.78 -1.89 -1.45
CA ASN A 450 -24.19 -2.26 -1.65
C ASN A 450 -24.39 -2.52 -3.15
N VAL A 451 -23.92 -1.57 -3.93
CA VAL A 451 -24.02 -1.57 -5.39
C VAL A 451 -23.44 -2.86 -5.99
N LEU A 452 -22.25 -3.28 -5.56
CA LEU A 452 -21.62 -4.47 -6.09
C LEU A 452 -21.99 -5.72 -5.31
N CYS A 453 -22.77 -5.59 -4.23
CA CYS A 453 -23.25 -6.78 -3.55
C CYS A 453 -24.72 -7.05 -3.89
N GLN A 454 -24.94 -7.93 -4.86
CA GLN A 454 -26.30 -8.19 -5.33
C GLN A 454 -26.54 -9.68 -5.56
N GLU A 455 -25.61 -10.51 -5.11
CA GLU A 455 -25.74 -11.95 -5.33
C GLU A 455 -24.72 -12.71 -4.50
N ARG A 456 -25.18 -13.77 -3.86
CA ARG A 456 -24.31 -14.66 -3.09
C ARG A 456 -23.29 -15.30 -4.02
N LYS A 457 -22.01 -15.24 -3.65
CA LYS A 457 -20.97 -15.78 -4.52
C LYS A 457 -20.80 -17.28 -4.32
N ALA A 458 -20.15 -17.92 -5.29
CA ALA A 458 -19.81 -19.33 -5.17
C ALA A 458 -18.31 -19.45 -4.95
N TYR A 459 -17.62 -18.49 -5.56
CA TYR A 459 -16.18 -18.33 -5.43
C TYR A 459 -15.74 -16.87 -5.52
N PHE A 460 -14.48 -16.67 -5.14
CA PHE A 460 -13.89 -15.35 -5.32
C PHE A 460 -12.40 -15.46 -5.60
N ILE A 461 -11.90 -14.37 -6.16
CA ILE A 461 -10.46 -14.10 -6.23
C ILE A 461 -10.20 -12.77 -5.54
N GLY A 462 -9.35 -12.80 -4.51
CA GLY A 462 -9.10 -11.60 -3.73
C GLY A 462 -7.79 -10.94 -4.11
N VAL A 463 -7.86 -9.65 -4.39
CA VAL A 463 -6.68 -8.85 -4.72
C VAL A 463 -6.29 -7.95 -3.55
N LEU A 464 -5.12 -8.18 -2.96
CA LEU A 464 -4.67 -7.38 -1.83
C LEU A 464 -3.80 -6.19 -2.27
N ASP A 465 -4.30 -4.98 -2.10
CA ASP A 465 -3.54 -3.78 -2.41
C ASP A 465 -3.25 -2.92 -1.19
N ILE A 466 -2.20 -3.20 -0.41
CA ILE A 466 -2.06 -2.36 0.80
C ILE A 466 -1.15 -1.15 0.62
N SER A 467 -1.08 -0.27 1.63
CA SER A 467 -0.07 0.77 1.71
C SER A 467 1.29 0.11 1.90
N GLY A 468 2.28 0.48 1.07
CA GLY A 468 3.54 -0.24 1.08
C GLY A 468 4.52 0.29 2.11
N PHE A 469 5.52 -0.52 2.43
CA PHE A 469 6.59 -0.18 3.35
C PHE A 469 7.08 1.23 3.10
N GLU A 470 7.17 2.08 4.11
CA GLU A 470 7.63 3.44 3.88
C GLU A 470 8.52 3.91 5.05
N ILE A 471 9.41 4.84 4.73
CA ILE A 471 10.29 5.46 5.70
C ILE A 471 10.32 6.95 5.38
N PHE A 472 10.06 7.78 6.38
CA PHE A 472 10.11 9.22 6.22
C PHE A 472 11.14 9.76 7.21
N LYS A 473 11.49 11.03 7.15
CA LYS A 473 12.39 11.52 8.20
C LYS A 473 11.73 11.32 9.57
N VAL A 474 10.42 11.52 9.61
CA VAL A 474 9.60 11.34 10.80
C VAL A 474 8.61 10.18 10.62
N ASN A 475 8.81 9.11 11.36
CA ASN A 475 7.93 7.94 11.31
C ASN A 475 7.09 7.88 12.57
N SER A 476 5.77 7.86 12.42
CA SER A 476 4.84 7.92 13.55
C SER A 476 4.05 6.62 13.66
N PHE A 477 2.95 6.65 14.38
CA PHE A 477 2.13 5.46 14.59
C PHE A 477 1.60 4.91 13.26
N GLU A 478 1.25 5.83 12.37
CA GLU A 478 0.72 5.42 11.06
C GLU A 478 1.71 4.53 10.34
N GLN A 479 2.99 4.88 10.38
CA GLN A 479 4.03 4.14 9.67
C GLN A 479 4.33 2.79 10.30
N LEU A 480 4.18 2.70 11.62
CA LEU A 480 4.39 1.42 12.29
C LEU A 480 3.34 0.41 11.83
N CYS A 481 2.09 0.85 11.78
CA CYS A 481 0.98 0.00 11.38
C CYS A 481 1.15 -0.40 9.91
N ILE A 482 1.58 0.53 9.06
CA ILE A 482 1.88 0.27 7.66
C ILE A 482 2.98 -0.78 7.52
N ASN A 483 4.10 -0.56 8.19
CA ASN A 483 5.27 -1.40 8.02
C ASN A 483 5.12 -2.76 8.68
N TYR A 484 4.29 -2.79 9.73
CA TYR A 484 3.93 -4.05 10.39
C TYR A 484 3.08 -4.89 9.44
N THR A 485 2.15 -4.23 8.75
CA THR A 485 1.34 -4.94 7.76
C THR A 485 2.24 -5.51 6.67
N ASN A 486 3.14 -4.68 6.15
CA ASN A 486 4.06 -5.15 5.12
C ASN A 486 4.93 -6.30 5.61
N GLU A 487 5.32 -6.24 6.89
CA GLU A 487 6.08 -7.33 7.48
C GLU A 487 5.29 -8.62 7.57
N LYS A 488 3.98 -8.57 7.80
CA LYS A 488 3.18 -9.78 7.88
C LYS A 488 2.94 -10.38 6.49
N LEU A 489 2.81 -9.49 5.50
CA LEU A 489 2.61 -9.95 4.14
C LEU A 489 3.86 -10.67 3.66
N GLN A 490 5.02 -10.10 3.95
CA GLN A 490 6.27 -10.77 3.59
C GLN A 490 6.40 -12.13 4.27
N GLN A 491 5.91 -12.22 5.52
CA GLN A 491 6.00 -13.46 6.28
C GLN A 491 5.04 -14.49 5.68
N PHE A 492 3.97 -13.98 5.10
CA PHE A 492 3.01 -14.85 4.43
C PHE A 492 3.63 -15.49 3.19
N PHE A 493 4.49 -14.76 2.48
CA PHE A 493 5.30 -15.28 1.37
C PHE A 493 6.27 -16.35 1.90
N ASN A 494 7.01 -15.97 2.93
CA ASN A 494 7.97 -16.89 3.53
C ASN A 494 7.26 -18.19 3.90
N HIS A 495 6.16 -18.05 4.63
CA HIS A 495 5.45 -19.21 5.16
C HIS A 495 5.11 -20.23 4.07
N HIS A 496 4.39 -19.74 3.08
CA HIS A 496 3.92 -20.48 1.93
C HIS A 496 5.06 -21.01 1.06
N MET A 497 6.06 -20.18 0.79
CA MET A 497 7.09 -20.58 -0.16
C MET A 497 8.06 -21.57 0.44
N PHE A 498 8.37 -21.38 1.72
CA PHE A 498 9.46 -22.20 2.25
C PHE A 498 9.00 -23.18 3.32
N LYS A 499 8.09 -22.74 4.18
CA LYS A 499 7.70 -23.47 5.37
C LYS A 499 6.63 -24.51 5.07
N LEU A 500 5.52 -24.02 4.52
CA LEU A 500 4.44 -24.93 4.15
C LEU A 500 4.92 -25.91 3.08
N GLU A 501 5.85 -25.45 2.26
CA GLU A 501 6.33 -26.29 1.17
C GLU A 501 7.12 -27.48 1.71
N GLN A 502 8.11 -27.16 2.55
CA GLN A 502 8.96 -28.27 2.99
C GLN A 502 8.18 -29.16 3.93
N GLU A 503 7.26 -28.59 4.70
CA GLU A 503 6.45 -29.37 5.63
C GLU A 503 5.74 -30.52 4.94
N GLU A 504 5.44 -30.32 3.65
CA GLU A 504 4.82 -31.38 2.86
C GLU A 504 5.85 -32.49 2.62
N TYR A 505 6.92 -32.09 1.96
CA TYR A 505 8.04 -32.93 1.60
C TYR A 505 8.38 -33.91 2.73
N LEU A 506 8.49 -33.36 3.92
CA LEU A 506 8.78 -34.14 5.12
C LEU A 506 7.57 -34.97 5.51
N LYS A 507 6.40 -34.39 5.26
CA LYS A 507 5.14 -35.09 5.52
C LYS A 507 4.99 -36.30 4.59
N GLU A 508 5.17 -36.05 3.29
CA GLU A 508 5.01 -37.09 2.29
C GLU A 508 6.29 -37.86 2.06
N LYS A 509 7.19 -37.79 3.03
CA LYS A 509 8.37 -38.64 3.08
C LYS A 509 8.99 -38.92 1.74
N ILE A 510 9.39 -37.90 1.01
CA ILE A 510 10.09 -38.14 -0.23
C ILE A 510 11.61 -38.17 -0.14
N ASN A 511 12.17 -37.91 1.02
CA ASN A 511 13.60 -38.05 1.29
C ASN A 511 14.42 -37.17 0.41
N TRP A 512 14.08 -35.86 0.41
CA TRP A 512 13.94 -34.81 1.53
C TRP A 512 14.77 -34.08 2.69
N THR A 513 15.88 -33.32 2.50
CA THR A 513 16.61 -32.72 3.58
C THR A 513 16.20 -31.28 3.85
N PHE A 514 15.59 -31.03 4.99
CA PHE A 514 15.10 -29.71 5.32
C PHE A 514 16.14 -28.63 5.02
N ILE A 515 15.66 -27.53 4.47
CA ILE A 515 16.53 -26.40 4.19
C ILE A 515 16.03 -25.13 4.87
N ASP A 516 16.96 -24.41 5.46
CA ASP A 516 16.64 -23.12 6.09
C ASP A 516 17.01 -21.98 5.15
N PHE A 517 16.01 -21.23 4.69
CA PHE A 517 16.28 -20.19 3.70
C PHE A 517 16.61 -18.86 4.34
N GLY A 518 16.74 -18.85 5.66
CA GLY A 518 17.15 -17.68 6.40
C GLY A 518 16.17 -16.53 6.32
N LEU A 519 14.94 -16.80 5.91
CA LEU A 519 13.92 -15.77 5.85
C LEU A 519 12.83 -15.98 6.91
N ASP A 520 12.79 -15.12 7.92
CA ASP A 520 11.77 -15.23 8.95
C ASP A 520 11.58 -13.93 9.72
N SER A 521 10.43 -13.28 9.53
CA SER A 521 10.15 -12.00 10.16
C SER A 521 9.38 -12.20 11.46
N GLN A 522 9.40 -13.40 12.02
CA GLN A 522 8.55 -13.68 13.18
C GLN A 522 8.98 -12.87 14.39
N ALA A 523 10.27 -12.78 14.64
CA ALA A 523 10.78 -12.01 15.77
C ALA A 523 10.32 -10.57 15.68
N THR A 524 10.35 -10.01 14.46
CA THR A 524 9.90 -8.63 14.30
C THR A 524 8.40 -8.52 14.50
N ILE A 525 7.67 -9.47 13.92
CA ILE A 525 6.22 -9.49 14.07
C ILE A 525 5.79 -9.56 15.54
N ASP A 526 6.41 -10.47 16.28
CA ASP A 526 6.15 -10.68 17.71
C ASP A 526 6.48 -9.42 18.51
N LEU A 527 7.60 -8.77 18.19
CA LEU A 527 7.98 -7.58 18.94
C LEU A 527 6.88 -6.53 18.90
N ILE A 528 6.10 -6.53 17.84
CA ILE A 528 5.08 -5.53 17.62
C ILE A 528 3.72 -5.98 18.14
N ASP A 529 3.26 -7.17 17.78
CA ASP A 529 1.90 -7.56 18.15
C ASP A 529 1.85 -8.67 19.20
N GLY A 530 2.93 -8.93 19.90
CA GLY A 530 2.96 -10.02 20.85
C GLY A 530 2.04 -9.79 22.03
N ARG A 531 1.43 -10.83 22.53
CA ARG A 531 0.52 -10.64 23.60
C ARG A 531 1.18 -11.03 24.88
N GLN A 532 1.82 -12.17 24.91
CA GLN A 532 2.55 -12.66 26.09
C GLN A 532 3.83 -13.28 25.63
N PRO A 533 4.97 -12.82 26.13
CA PRO A 533 5.22 -11.49 26.62
C PRO A 533 4.69 -10.33 25.76
N PRO A 534 4.37 -9.20 26.36
CA PRO A 534 3.73 -8.14 25.63
C PRO A 534 4.67 -7.37 24.71
N GLY A 535 4.17 -7.15 23.50
CA GLY A 535 4.86 -6.49 22.42
C GLY A 535 4.59 -5.00 22.42
N ILE A 536 4.93 -4.30 21.34
CA ILE A 536 4.81 -2.84 21.36
C ILE A 536 3.38 -2.35 21.41
N LEU A 537 2.50 -3.00 20.65
CA LEU A 537 1.13 -2.55 20.56
C LEU A 537 0.40 -2.76 21.88
N ALA A 538 0.74 -3.85 22.56
CA ALA A 538 0.16 -4.21 23.84
C ALA A 538 0.59 -3.23 24.92
N LEU A 539 1.90 -2.95 25.01
CA LEU A 539 2.31 -1.93 25.98
C LEU A 539 1.64 -0.61 25.66
N LEU A 540 1.51 -0.32 24.36
CA LEU A 540 0.86 0.92 23.95
C LEU A 540 -0.56 0.97 24.50
N ASP A 541 -1.25 -0.14 24.36
CA ASP A 541 -2.65 -0.21 24.75
C ASP A 541 -2.79 -0.01 26.26
N GLU A 542 -1.92 -0.68 27.01
CA GLU A 542 -1.85 -0.54 28.46
C GLU A 542 -1.77 0.93 28.81
N GLN A 543 -0.65 1.56 28.46
CA GLN A 543 -0.44 2.98 28.70
C GLN A 543 -1.63 3.83 28.28
N SER A 544 -2.26 3.40 27.19
CA SER A 544 -3.36 4.15 26.61
C SER A 544 -4.53 4.23 27.56
N VAL A 545 -4.64 3.23 28.43
CA VAL A 545 -5.80 3.21 29.34
C VAL A 545 -5.36 3.45 30.78
N PHE A 546 -4.17 4.01 30.92
CA PHE A 546 -3.58 4.34 32.21
C PHE A 546 -3.69 5.83 32.45
N PRO A 547 -4.43 6.22 33.49
CA PRO A 547 -4.85 7.62 33.62
C PRO A 547 -3.68 8.60 33.65
N ASN A 548 -2.52 8.15 34.13
CA ASN A 548 -1.39 9.07 34.29
C ASN A 548 -0.34 8.86 33.21
N ALA A 549 -0.72 8.18 32.12
CA ALA A 549 0.28 7.88 31.10
C ALA A 549 0.58 9.10 30.24
N THR A 550 1.85 9.28 29.85
CA THR A 550 2.22 10.29 28.87
C THR A 550 3.06 9.68 27.76
N ASP A 551 3.28 10.44 26.69
CA ASP A 551 4.14 9.93 25.62
C ASP A 551 5.50 9.54 26.17
N ASN A 552 5.95 10.25 27.21
CA ASN A 552 7.21 9.97 27.88
C ASN A 552 7.14 8.71 28.70
N THR A 553 6.06 8.44 29.45
CA THR A 553 6.08 7.16 30.16
C THR A 553 5.95 6.00 29.17
N LEU A 554 5.38 6.28 27.99
CA LEU A 554 5.23 5.19 27.02
C LEU A 554 6.58 4.71 26.50
N ILE A 555 7.45 5.61 26.08
CA ILE A 555 8.71 5.23 25.46
C ILE A 555 9.64 4.60 26.49
N THR A 556 9.65 5.19 27.67
CA THR A 556 10.37 4.62 28.81
C THR A 556 9.95 3.17 29.02
N LYS A 557 8.63 2.94 28.98
CA LYS A 557 8.17 1.57 29.18
C LYS A 557 8.63 0.67 28.04
N LEU A 558 8.55 1.17 26.81
CA LEU A 558 9.04 0.40 25.67
C LEU A 558 10.51 0.06 25.83
N HIS A 559 11.29 1.09 26.13
CA HIS A 559 12.70 0.81 26.37
C HIS A 559 12.89 -0.20 27.49
N SER A 560 12.12 -0.04 28.57
CA SER A 560 12.34 -0.92 29.70
C SER A 560 12.12 -2.38 29.31
N HIS A 561 11.10 -2.62 28.49
CA HIS A 561 10.85 -4.00 28.08
C HIS A 561 11.77 -4.53 27.00
N PHE A 562 12.29 -3.70 26.09
CA PHE A 562 12.94 -4.28 24.92
C PHE A 562 14.40 -3.91 24.76
N SER A 563 14.80 -2.77 25.33
CA SER A 563 16.17 -2.31 25.09
C SER A 563 17.19 -3.28 25.64
N LYS A 564 18.08 -3.68 24.75
CA LYS A 564 19.10 -4.67 25.08
C LYS A 564 18.49 -5.99 25.52
N LYS A 565 17.24 -6.24 25.16
CA LYS A 565 16.54 -7.48 25.39
C LYS A 565 15.96 -8.04 24.09
N ASN A 566 15.45 -7.17 23.20
CA ASN A 566 14.97 -7.70 21.91
C ASN A 566 15.95 -7.37 20.79
N ALA A 567 16.35 -8.40 20.06
CA ALA A 567 17.32 -8.22 18.99
C ALA A 567 16.79 -7.36 17.85
N LYS A 568 15.46 -7.21 17.77
CA LYS A 568 14.93 -6.40 16.68
C LYS A 568 14.58 -5.00 17.13
N TYR A 569 14.97 -4.63 18.34
CA TYR A 569 14.60 -3.35 18.92
C TYR A 569 15.85 -2.53 19.21
N GLU A 570 15.69 -1.21 19.07
CA GLU A 570 16.85 -0.44 19.51
C GLU A 570 16.41 0.85 20.20
N GLU A 571 17.03 1.07 21.35
CA GLU A 571 16.91 2.35 22.01
C GLU A 571 18.05 3.22 21.49
N PRO A 572 17.71 4.27 20.75
CA PRO A 572 18.78 5.11 20.17
C PRO A 572 19.51 5.90 21.26
N ARG A 573 20.80 6.15 21.06
CA ARG A 573 21.54 6.97 22.00
C ARG A 573 21.44 8.45 21.66
N PHE A 574 20.86 8.78 20.50
CA PHE A 574 20.87 10.13 19.97
C PHE A 574 19.54 10.83 20.20
N SER A 575 18.59 10.15 20.84
CA SER A 575 17.25 10.70 21.03
C SER A 575 16.54 10.05 22.19
N LYS A 576 15.68 10.78 22.92
CA LYS A 576 14.95 10.06 23.96
C LYS A 576 13.48 9.83 23.66
N THR A 577 13.03 10.19 22.47
CA THR A 577 11.64 10.09 22.01
C THR A 577 11.47 9.10 20.86
N GLU A 578 12.53 8.40 20.45
CA GLU A 578 12.40 7.46 19.35
C GLU A 578 12.85 6.05 19.72
N PHE A 579 12.31 5.08 18.96
CA PHE A 579 12.78 3.70 19.09
C PHE A 579 12.92 3.09 17.70
N GLY A 580 13.91 2.23 17.52
CA GLY A 580 14.10 1.60 16.22
C GLY A 580 13.51 0.20 16.17
N VAL A 581 12.81 -0.12 15.09
CA VAL A 581 12.34 -1.47 14.80
C VAL A 581 13.07 -1.98 13.56
N THR A 582 13.77 -3.10 13.65
CA THR A 582 14.42 -3.71 12.50
C THR A 582 13.44 -4.55 11.69
N HIS A 583 12.89 -3.98 10.62
CA HIS A 583 11.99 -4.69 9.73
C HIS A 583 12.76 -5.43 8.64
N TYR A 584 12.06 -6.27 7.89
CA TYR A 584 12.65 -7.06 6.80
C TYR A 584 13.26 -6.12 5.76
N ALA A 585 12.60 -5.02 5.46
CA ALA A 585 13.04 -4.05 4.48
C ALA A 585 13.95 -3.00 5.08
N GLY A 586 14.35 -3.14 6.34
CA GLY A 586 15.24 -2.20 6.97
C GLY A 586 14.81 -1.67 8.33
N GLN A 587 15.77 -1.04 9.01
CA GLN A 587 15.51 -0.44 10.30
C GLN A 587 14.75 0.88 10.15
N VAL A 588 13.74 1.08 10.99
CA VAL A 588 12.95 2.30 10.99
C VAL A 588 12.92 2.89 12.40
N MET A 589 13.25 4.17 12.52
CA MET A 589 13.17 4.90 13.78
C MET A 589 11.79 5.53 13.92
N TYR A 590 11.09 5.21 15.01
CA TYR A 590 9.76 5.81 15.21
C TYR A 590 9.77 6.83 16.35
N GLU A 591 9.11 7.94 16.12
CA GLU A 591 8.94 9.05 17.04
C GLU A 591 7.62 8.87 17.80
N ILE A 592 7.76 8.87 19.13
CA ILE A 592 6.67 8.55 20.04
C ILE A 592 5.64 9.65 20.22
N GLN A 593 5.92 10.88 19.78
CA GLN A 593 4.98 11.97 19.90
C GLN A 593 3.56 11.64 19.45
N ASP A 594 2.60 11.81 20.35
CA ASP A 594 1.19 11.68 20.03
C ASP A 594 0.69 10.25 19.89
N TRP A 595 1.46 9.21 20.18
CA TRP A 595 0.91 7.87 19.98
C TRP A 595 -0.23 7.54 20.93
N LEU A 596 -0.23 8.06 22.15
CA LEU A 596 -1.31 7.70 23.09
C LEU A 596 -2.67 8.18 22.57
N GLU A 597 -2.69 9.45 22.20
CA GLU A 597 -3.88 10.07 21.61
C GLU A 597 -4.22 9.48 20.26
N LYS A 598 -3.19 9.12 19.48
CA LYS A 598 -3.49 8.48 18.20
C LYS A 598 -4.18 7.14 18.42
N ASN A 599 -3.71 6.37 19.39
CA ASN A 599 -4.25 5.05 19.70
C ASN A 599 -5.65 5.10 20.30
N LYS A 600 -5.86 6.07 21.19
CA LYS A 600 -7.15 6.32 21.81
C LYS A 600 -8.13 6.90 20.81
N ASP A 601 -7.63 7.75 19.93
CA ASP A 601 -8.44 8.29 18.86
C ASP A 601 -9.71 8.96 19.38
N PRO A 602 -9.55 9.93 20.26
CA PRO A 602 -10.68 10.48 21.00
C PRO A 602 -11.46 11.52 20.23
N LEU A 603 -12.74 11.66 20.54
CA LEU A 603 -13.60 12.74 20.07
C LEU A 603 -14.58 13.20 21.15
N GLN A 604 -14.59 14.50 21.44
CA GLN A 604 -15.55 15.00 22.41
C GLN A 604 -16.99 14.70 22.03
N GLN A 605 -17.76 14.09 22.94
CA GLN A 605 -19.16 13.77 22.71
C GLN A 605 -20.03 14.97 22.39
N ASP A 606 -19.70 16.13 22.95
CA ASP A 606 -20.53 17.29 22.61
C ASP A 606 -20.42 17.58 21.11
N LEU A 607 -19.23 17.34 20.57
CA LEU A 607 -18.99 17.50 19.13
C LEU A 607 -19.96 16.61 18.37
N GLU A 608 -19.94 15.33 18.71
CA GLU A 608 -20.86 14.41 18.05
C GLU A 608 -22.33 14.76 18.30
N LEU A 609 -22.66 15.32 19.46
CA LEU A 609 -24.07 15.69 19.66
C LEU A 609 -24.43 16.87 18.79
N CYS A 610 -23.40 17.65 18.45
CA CYS A 610 -23.58 18.81 17.59
C CYS A 610 -23.74 18.41 16.13
N PHE A 611 -23.16 17.29 15.70
CA PHE A 611 -23.28 16.90 14.29
C PHE A 611 -24.43 15.93 14.05
N LYS A 612 -24.82 15.18 15.08
CA LYS A 612 -25.95 14.28 15.03
C LYS A 612 -27.26 15.02 14.73
N ASP A 613 -27.24 16.32 15.01
CA ASP A 613 -28.31 17.27 14.79
C ASP A 613 -28.23 18.00 13.46
N SER A 614 -27.29 17.62 12.59
CA SER A 614 -27.15 18.39 11.33
C SER A 614 -28.35 18.18 10.42
N SER A 615 -28.61 19.15 9.55
CA SER A 615 -29.78 18.95 8.66
C SER A 615 -29.41 18.14 7.43
N ASP A 616 -28.11 17.98 7.16
CA ASP A 616 -27.64 17.26 5.98
C ASP A 616 -27.85 15.76 6.10
N ASN A 617 -28.44 15.16 5.08
CA ASN A 617 -28.78 13.74 5.14
C ASN A 617 -27.54 12.87 5.10
N VAL A 618 -26.43 13.39 4.58
CA VAL A 618 -25.24 12.55 4.56
C VAL A 618 -24.55 12.63 5.93
N VAL A 619 -24.27 13.82 6.42
CA VAL A 619 -23.67 14.08 7.71
C VAL A 619 -24.39 13.37 8.86
N THR A 620 -25.72 13.45 8.86
CA THR A 620 -26.55 12.80 9.88
C THR A 620 -26.21 11.31 9.98
N LYS A 621 -26.04 10.67 8.82
CA LYS A 621 -25.73 9.25 8.76
C LYS A 621 -24.32 8.96 9.28
N LEU A 622 -23.40 9.91 9.17
CA LEU A 622 -22.05 9.73 9.70
C LEU A 622 -22.03 9.76 11.23
N PHE A 623 -23.10 10.28 11.83
CA PHE A 623 -23.09 10.39 13.29
C PHE A 623 -24.23 9.62 13.94
N ASN A 624 -25.13 9.02 13.16
CA ASN A 624 -26.19 8.21 13.73
C ASN A 624 -26.06 6.74 13.34
N ASP A 625 -25.46 6.46 12.19
CA ASP A 625 -25.26 5.08 11.78
C ASP A 625 -24.29 4.35 12.71
N PRO A 626 -24.81 3.39 13.44
CA PRO A 626 -24.06 2.61 14.42
C PRO A 626 -22.84 1.92 13.82
N ASN A 627 -22.93 1.68 12.51
CA ASN A 627 -21.91 0.98 11.75
C ASN A 627 -20.79 1.93 11.34
N ILE A 628 -21.09 3.21 11.42
CA ILE A 628 -20.12 4.27 11.13
C ILE A 628 -19.77 5.03 12.40
N ALA A 629 -20.76 5.43 13.19
CA ALA A 629 -20.52 6.27 14.36
C ALA A 629 -20.28 5.55 15.67
N SER A 630 -20.46 4.24 15.77
CA SER A 630 -20.36 3.56 17.05
C SER A 630 -19.00 2.91 17.26
N ARG A 631 -18.59 2.72 18.50
CA ARG A 631 -17.28 2.11 18.73
C ARG A 631 -17.36 0.93 19.69
N ALA A 632 -16.72 -0.17 19.30
CA ALA A 632 -16.74 -1.35 20.16
C ALA A 632 -16.14 -0.98 21.51
N LYS A 633 -16.53 -1.70 22.55
CA LYS A 633 -15.95 -1.42 23.86
C LYS A 633 -15.16 -2.61 24.34
N LYS A 634 -13.94 -2.36 24.80
CA LYS A 634 -13.13 -3.43 25.40
C LYS A 634 -13.33 -3.37 26.92
N GLY A 635 -14.58 -3.52 27.34
CA GLY A 635 -14.95 -3.43 28.74
C GLY A 635 -15.31 -2.00 29.13
N ALA A 636 -14.52 -1.43 30.04
CA ALA A 636 -14.71 -0.09 30.55
C ALA A 636 -14.32 0.98 29.53
N ASN A 637 -13.45 0.62 28.59
CA ASN A 637 -12.98 1.56 27.59
C ASN A 637 -13.32 1.13 26.17
N PHE A 638 -13.25 2.09 25.25
CA PHE A 638 -13.42 1.74 23.85
C PHE A 638 -12.18 1.01 23.34
N ILE A 639 -12.38 0.11 22.37
CA ILE A 639 -11.25 -0.56 21.76
C ILE A 639 -10.27 0.46 21.19
N THR A 640 -8.98 0.15 21.20
CA THR A 640 -8.02 1.10 20.64
C THR A 640 -7.83 0.92 19.14
N VAL A 641 -7.26 1.92 18.47
CA VAL A 641 -6.95 1.74 17.05
C VAL A 641 -6.08 0.50 16.87
N ALA A 642 -5.08 0.33 17.74
CA ALA A 642 -4.15 -0.78 17.69
C ALA A 642 -4.82 -2.15 17.86
N ALA A 643 -5.70 -2.30 18.84
CA ALA A 643 -6.39 -3.56 19.08
C ALA A 643 -7.37 -3.90 17.96
N GLN A 644 -8.04 -2.87 17.47
CA GLN A 644 -8.94 -2.94 16.33
C GLN A 644 -8.24 -3.33 15.04
N TYR A 645 -7.11 -2.67 14.74
CA TYR A 645 -6.37 -2.98 13.54
C TYR A 645 -5.80 -4.39 13.59
N LYS A 646 -5.18 -4.68 14.73
CA LYS A 646 -4.61 -6.02 14.92
C LYS A 646 -5.67 -7.08 14.64
N GLU A 647 -6.91 -6.77 15.04
CA GLU A 647 -8.02 -7.67 14.84
C GLU A 647 -8.43 -7.72 13.37
N GLN A 648 -8.58 -6.57 12.74
CA GLN A 648 -8.95 -6.58 11.31
C GLN A 648 -7.87 -7.28 10.48
N LEU A 649 -6.60 -7.13 10.86
CA LEU A 649 -5.55 -7.76 10.07
C LEU A 649 -5.61 -9.28 10.20
N ALA A 650 -5.73 -9.75 11.43
CA ALA A 650 -5.69 -11.18 11.69
C ALA A 650 -6.77 -11.91 10.89
N SER A 651 -7.92 -11.28 10.81
CA SER A 651 -9.04 -11.78 10.03
C SER A 651 -8.70 -11.83 8.55
N LEU A 652 -8.09 -10.78 8.00
CA LEU A 652 -7.63 -10.80 6.61
C LEU A 652 -6.66 -11.93 6.39
N MET A 653 -5.65 -12.06 7.26
CA MET A 653 -4.68 -13.13 7.13
C MET A 653 -5.30 -14.51 7.24
N ALA A 654 -6.37 -14.61 8.03
CA ALA A 654 -7.01 -15.92 8.17
C ALA A 654 -7.73 -16.28 6.87
N THR A 655 -8.38 -15.30 6.28
CA THR A 655 -9.04 -15.41 4.99
C THR A 655 -8.04 -15.78 3.89
N LEU A 656 -6.86 -15.15 3.92
CA LEU A 656 -5.87 -15.43 2.88
C LEU A 656 -5.50 -16.90 2.91
N GLU A 657 -5.35 -17.38 4.15
CA GLU A 657 -4.93 -18.76 4.35
C GLU A 657 -5.93 -19.74 3.74
N THR A 658 -7.17 -19.32 3.51
CA THR A 658 -8.15 -20.23 2.92
C THR A 658 -8.22 -20.06 1.40
N THR A 659 -7.17 -19.47 0.84
CA THR A 659 -7.12 -19.28 -0.60
C THR A 659 -5.82 -19.85 -1.18
N ASN A 660 -5.86 -19.98 -2.50
CA ASN A 660 -4.64 -20.31 -3.25
C ASN A 660 -3.99 -18.97 -3.58
N PRO A 661 -2.84 -18.70 -2.98
CA PRO A 661 -2.19 -17.39 -3.15
C PRO A 661 -1.27 -17.34 -4.37
N HIS A 662 -1.35 -16.23 -5.09
CA HIS A 662 -0.47 -15.90 -6.20
C HIS A 662 0.29 -14.61 -5.90
N PHE A 663 1.60 -14.65 -5.88
CA PHE A 663 2.42 -13.52 -5.51
C PHE A 663 2.97 -12.74 -6.68
N VAL A 664 2.81 -11.43 -6.60
CA VAL A 664 3.42 -10.48 -7.51
C VAL A 664 4.34 -9.59 -6.67
N ARG A 665 5.63 -9.69 -6.92
CA ARG A 665 6.60 -8.85 -6.24
C ARG A 665 6.86 -7.58 -7.05
N CYS A 666 6.29 -6.46 -6.63
CA CYS A 666 6.53 -5.19 -7.30
C CYS A 666 7.83 -4.56 -6.82
N ILE A 667 8.61 -4.01 -7.76
CA ILE A 667 9.94 -3.51 -7.47
C ILE A 667 10.18 -2.10 -8.00
N ILE A 668 10.67 -1.25 -7.10
CA ILE A 668 10.93 0.14 -7.48
C ILE A 668 12.34 0.22 -8.04
N PRO A 669 12.47 0.85 -9.21
CA PRO A 669 13.77 0.99 -9.87
C PRO A 669 14.72 1.97 -9.19
N ASN A 670 14.23 3.08 -8.68
CA ASN A 670 15.01 4.09 -7.99
C ASN A 670 14.15 4.81 -6.97
N ASN A 671 14.74 5.78 -6.26
CA ASN A 671 13.96 6.54 -5.28
C ASN A 671 13.63 7.92 -5.81
N LYS A 672 13.41 8.03 -7.11
CA LYS A 672 13.23 9.31 -7.80
C LYS A 672 12.00 9.36 -8.68
N GLN A 673 11.25 8.25 -8.76
CA GLN A 673 10.08 8.29 -9.64
C GLN A 673 10.47 8.61 -11.08
N LEU A 674 11.61 8.07 -11.53
CA LEU A 674 12.13 8.30 -12.87
C LEU A 674 12.18 7.06 -13.75
N PRO A 675 11.87 7.20 -15.03
CA PRO A 675 11.95 6.05 -15.93
C PRO A 675 13.39 5.82 -16.38
N ALA A 676 13.67 4.64 -16.94
CA ALA A 676 14.98 4.45 -17.56
C ALA A 676 16.13 4.66 -16.59
N LYS A 677 15.88 4.39 -15.31
CA LYS A 677 16.95 4.61 -14.33
C LYS A 677 16.91 3.55 -13.24
N LEU A 678 17.45 2.39 -13.60
CA LEU A 678 17.49 1.21 -12.76
C LEU A 678 18.78 1.17 -11.94
N GLU A 679 18.65 1.48 -10.65
CA GLU A 679 19.79 1.55 -9.75
C GLU A 679 19.96 0.28 -8.95
N ASP A 680 21.15 -0.28 -9.06
CA ASP A 680 21.39 -1.62 -8.52
C ASP A 680 21.17 -1.69 -7.01
N LYS A 681 21.72 -0.77 -6.25
CA LYS A 681 21.57 -0.73 -4.80
C LYS A 681 20.10 -0.79 -4.38
N VAL A 682 19.30 0.12 -4.94
CA VAL A 682 17.86 0.15 -4.68
C VAL A 682 17.18 -1.17 -5.04
N VAL A 683 17.41 -1.67 -6.25
CA VAL A 683 16.77 -2.90 -6.72
C VAL A 683 17.25 -4.13 -5.97
N LEU A 684 18.56 -4.22 -5.74
CA LEU A 684 19.09 -5.40 -5.05
C LEU A 684 18.63 -5.46 -3.60
N ASP A 685 18.47 -4.33 -2.93
CA ASP A 685 18.00 -4.33 -1.54
C ASP A 685 16.63 -5.01 -1.45
N GLN A 686 15.76 -4.63 -2.39
CA GLN A 686 14.43 -5.21 -2.51
C GLN A 686 14.45 -6.69 -2.86
N LEU A 687 15.35 -7.07 -3.77
CA LEU A 687 15.38 -8.47 -4.19
C LEU A 687 15.76 -9.35 -3.00
N ARG A 688 16.69 -8.84 -2.20
CA ARG A 688 17.11 -9.57 -1.01
C ARG A 688 16.01 -9.71 0.01
N CYS A 689 15.49 -8.58 0.48
CA CYS A 689 14.53 -8.64 1.59
C CYS A 689 13.23 -9.28 1.12
N ASN A 690 12.94 -9.20 -0.18
CA ASN A 690 11.75 -9.87 -0.69
C ASN A 690 11.93 -11.39 -0.70
N GLY A 691 13.16 -11.89 -0.65
CA GLY A 691 13.40 -13.32 -0.79
C GLY A 691 13.22 -13.87 -2.19
N VAL A 692 13.55 -13.10 -3.23
CA VAL A 692 13.39 -13.51 -4.62
C VAL A 692 14.31 -14.65 -5.02
N LEU A 693 15.61 -14.56 -4.75
CA LEU A 693 16.48 -15.68 -5.13
C LEU A 693 16.14 -16.93 -4.34
N GLU A 694 15.85 -16.76 -3.04
CA GLU A 694 15.47 -17.92 -2.25
C GLU A 694 14.22 -18.53 -2.87
N GLY A 695 13.31 -17.68 -3.30
CA GLY A 695 12.15 -18.12 -4.01
C GLY A 695 12.38 -18.92 -5.27
N ILE A 696 13.38 -18.54 -6.03
CA ILE A 696 13.78 -19.29 -7.18
C ILE A 696 14.46 -20.57 -6.79
N ARG A 697 15.31 -20.53 -5.79
CA ARG A 697 15.88 -21.74 -5.25
C ARG A 697 14.95 -22.84 -4.78
N ILE A 698 13.94 -22.54 -4.00
CA ILE A 698 13.01 -23.54 -3.52
C ILE A 698 12.33 -24.20 -4.68
N THR A 699 12.17 -23.45 -5.75
CA THR A 699 11.42 -23.88 -6.89
C THR A 699 12.24 -24.89 -7.69
N ARG A 700 13.53 -24.62 -7.74
CA ARG A 700 14.55 -25.35 -8.46
C ARG A 700 14.98 -26.62 -7.74
N LYS A 701 15.38 -26.50 -6.48
CA LYS A 701 15.79 -27.67 -5.69
C LYS A 701 14.60 -28.47 -5.19
N GLY A 702 13.38 -28.11 -5.57
CA GLY A 702 12.20 -28.76 -5.05
C GLY A 702 11.30 -29.48 -6.04
N PHE A 703 10.16 -29.88 -5.51
CA PHE A 703 9.12 -30.68 -6.14
C PHE A 703 7.77 -29.98 -5.98
N PRO A 704 7.58 -28.99 -6.86
CA PRO A 704 6.38 -28.17 -6.83
C PRO A 704 5.10 -28.99 -6.91
VG AD9 B . 1.94 3.19 -2.11
O1G AD9 B . 2.50 2.05 -1.14
O2G AD9 B . 0.28 3.35 -1.87
O3G AD9 B . 2.83 4.73 -2.04
PB AD9 B . 2.17 1.55 -4.92
O1B AD9 B . 3.15 0.32 -4.74
O2B AD9 B . 0.58 1.10 -5.22
O3B AD9 B . 1.92 2.45 -3.73
PA AD9 B . 1.64 2.67 -7.62
O1A AD9 B . 0.61 3.92 -7.11
O2A AD9 B . 0.96 1.44 -8.24
O3A AD9 B . 2.54 2.38 -6.28
O5' AD9 B . 2.74 3.45 -8.50
C5' AD9 B . 3.13 4.86 -8.40
C4' AD9 B . 3.30 5.43 -9.78
O4' AD9 B . 4.24 4.56 -10.51
C3' AD9 B . 2.04 5.34 -10.67
O3' AD9 B . 1.09 6.39 -10.36
C2' AD9 B . 2.66 5.46 -12.08
O2' AD9 B . 3.19 6.80 -12.33
C1' AD9 B . 3.90 4.51 -11.93
N9 AD9 B . 3.65 3.13 -12.34
C8 AD9 B . 3.69 1.95 -11.55
N7 AD9 B . 3.44 0.86 -12.23
C5 AD9 B . 3.23 1.29 -13.54
C6 AD9 B . 2.92 0.62 -14.76
N6 AD9 B . 2.79 -0.73 -14.84
N1 AD9 B . 2.78 1.36 -15.91
C2 AD9 B . 2.93 2.72 -15.86
C4 AD9 B . 3.35 2.70 -13.63
N3 AD9 B . 3.21 3.46 -14.76
MG MG C . -0.75 2.32 -3.89
#